data_5TUC
#
_entry.id   5TUC
#
_cell.length_a   139.000
_cell.length_b   139.000
_cell.length_c   175.240
_cell.angle_alpha   90.00
_cell.angle_beta   90.00
_cell.angle_gamma   120.00
#
_symmetry.space_group_name_H-M   'P 63 2 2'
#
loop_
_entity.id
_entity.type
_entity.pdbx_description
1 polymer 'Sus TBC1D15 GAP Domain'
2 water water
#
_entity_poly.entity_id   1
_entity_poly.type   'polypeptide(L)'
_entity_poly.pdbx_seq_one_letter_code
;LKINQQEEPGFEVITRIDLGERPVVQRREPVSLEEWTKNIDSEGRILNVDNMKQMIFRGGLSHALRKQAWKFLLGYFPWD
STKEERTELQKQKTDEYFRMKLQWKSVSEEQEKRNSRLRDYRSLIEKDVNRTDRTNKFYEGQDNPGLILLHDILMTYCMY
DFDLGYVQGMSDLLSPVLYVMENEVDAFWCFASYMDQMHQNFEEQMQGMKTQLIQLSTLLRLLDSGFCSYLESQDSGYLY
FCFRWLLIRFKREFSFLDILRLWEVMWTELPCKNFHLLLCCAILESEKQQIMEKHYGFNEILKHINELSMKIDVEDVLCK
AEAISLQMVKCKELPQAVCEILGLQDSE
;
_entity_poly.pdbx_strand_id   A,B
#
# COMPACT_ATOMS: atom_id res chain seq x y z
N THR A 15 14.31 23.40 22.75
CA THR A 15 12.93 22.96 22.65
C THR A 15 12.40 23.12 21.23
N ARG A 16 11.96 22.03 20.63
CA ARG A 16 11.34 22.15 19.32
C ARG A 16 10.29 21.08 19.02
N ILE A 17 9.88 21.07 17.75
CA ILE A 17 8.68 20.37 17.28
C ILE A 17 8.58 18.91 17.73
N ASP A 18 7.38 18.53 18.15
CA ASP A 18 7.08 17.14 18.43
C ASP A 18 6.51 16.51 17.17
N LEU A 19 7.28 15.61 16.58
CA LEU A 19 6.87 14.95 15.34
C LEU A 19 5.80 13.91 15.61
N GLY A 20 5.81 13.35 16.81
CA GLY A 20 4.90 12.29 17.15
C GLY A 20 5.57 10.96 16.88
N GLU A 21 4.79 9.89 16.89
CA GLU A 21 5.35 8.56 16.69
C GLU A 21 5.47 8.23 15.22
N ARG A 22 6.51 7.47 14.89
CA ARG A 22 6.79 7.12 13.51
C ARG A 22 5.96 5.91 13.09
N PRO A 23 5.20 6.04 12.01
CA PRO A 23 4.38 4.93 11.55
C PRO A 23 5.25 3.80 11.01
N VAL A 24 4.70 2.60 10.96
CA VAL A 24 5.40 1.49 10.34
C VAL A 24 4.90 1.39 8.90
N VAL A 25 5.83 1.28 7.96
CA VAL A 25 5.47 1.24 6.55
C VAL A 25 5.64 -0.15 5.98
N GLN A 26 4.64 -0.57 5.21
CA GLN A 26 4.68 -1.86 4.55
C GLN A 26 4.71 -1.66 3.04
N ARG A 27 5.67 -2.32 2.39
CA ARG A 27 5.82 -2.19 0.95
C ARG A 27 5.11 -3.33 0.25
N ARG A 28 5.07 -3.29 -1.07
CA ARG A 28 4.34 -4.27 -1.86
C ARG A 28 5.23 -4.89 -2.93
N GLU A 29 4.78 -5.99 -3.53
CA GLU A 29 5.52 -6.63 -4.62
C GLU A 29 5.58 -5.72 -5.85
N PRO A 30 6.66 -5.86 -6.65
CA PRO A 30 6.85 -5.00 -7.82
C PRO A 30 5.78 -5.21 -8.88
N VAL A 31 5.50 -4.14 -9.65
CA VAL A 31 4.46 -4.20 -10.66
C VAL A 31 4.89 -5.11 -11.80
N SER A 32 4.05 -6.09 -12.09
CA SER A 32 4.32 -7.04 -13.15
C SER A 32 4.04 -6.42 -14.52
N LEU A 33 4.64 -7.01 -15.55
CA LEU A 33 4.35 -6.64 -16.93
C LEU A 33 2.85 -6.77 -17.20
N GLU A 34 2.24 -7.80 -16.61
CA GLU A 34 0.83 -8.09 -16.85
C GLU A 34 -0.07 -7.02 -16.22
N GLU A 35 0.25 -6.62 -15.00
CA GLU A 35 -0.48 -5.54 -14.32
C GLU A 35 -0.44 -4.24 -15.12
N TRP A 36 0.70 -3.99 -15.77
CA TRP A 36 0.88 -2.79 -16.59
C TRP A 36 0.01 -2.83 -17.84
N THR A 37 0.08 -3.93 -18.56
CA THR A 37 -0.70 -4.10 -19.79
C THR A 37 -2.20 -4.04 -19.58
N LYS A 38 -2.64 -4.40 -18.37
CA LYS A 38 -4.06 -4.33 -18.02
C LYS A 38 -4.55 -2.89 -17.95
N ASN A 39 -3.68 -1.99 -17.52
CA ASN A 39 -4.04 -0.57 -17.39
C ASN A 39 -3.92 0.21 -18.69
N ILE A 40 -3.57 -0.49 -19.77
CA ILE A 40 -3.48 0.16 -21.07
C ILE A 40 -4.74 -0.12 -21.89
N ASP A 41 -5.36 0.94 -22.39
CA ASP A 41 -6.57 0.82 -23.19
C ASP A 41 -6.23 0.46 -24.64
N SER A 42 -7.25 0.41 -25.49
CA SER A 42 -7.07 0.04 -26.89
C SER A 42 -6.24 1.04 -27.67
N GLU A 43 -6.32 2.32 -27.31
CA GLU A 43 -5.56 3.36 -27.98
C GLU A 43 -4.11 3.40 -27.51
N GLY A 44 -3.80 2.64 -26.47
CA GLY A 44 -2.46 2.59 -25.93
C GLY A 44 -2.20 3.64 -24.86
N ARG A 45 -3.26 4.30 -24.41
CA ARG A 45 -3.15 5.24 -23.30
C ARG A 45 -3.06 4.47 -21.98
N ILE A 46 -2.65 5.15 -20.92
CA ILE A 46 -2.58 4.53 -19.59
C ILE A 46 -3.77 5.00 -18.77
N LEU A 47 -4.51 4.05 -18.20
CA LEU A 47 -5.77 4.39 -17.56
C LEU A 47 -5.60 5.15 -16.25
N ASN A 48 -5.15 4.49 -15.20
CA ASN A 48 -4.96 5.20 -13.94
C ASN A 48 -3.49 5.52 -13.70
N VAL A 49 -3.15 6.79 -13.85
CA VAL A 49 -1.77 7.23 -13.73
C VAL A 49 -1.37 7.32 -12.26
N ASP A 50 -2.06 8.18 -11.52
CA ASP A 50 -1.83 8.35 -10.09
C ASP A 50 -1.78 6.99 -9.37
N ASN A 51 -2.69 6.10 -9.73
CA ASN A 51 -2.72 4.75 -9.15
C ASN A 51 -1.50 3.94 -9.53
N MET A 52 -1.10 4.01 -10.80
CA MET A 52 0.06 3.28 -11.28
C MET A 52 1.33 3.81 -10.62
N LYS A 53 1.39 5.13 -10.42
CA LYS A 53 2.52 5.77 -9.77
C LYS A 53 2.61 5.30 -8.31
N GLN A 54 1.45 5.17 -7.68
CA GLN A 54 1.36 4.70 -6.31
C GLN A 54 1.84 3.26 -6.21
N MET A 55 1.49 2.45 -7.21
CA MET A 55 1.91 1.04 -7.23
C MET A 55 3.40 0.92 -7.50
N ILE A 56 3.91 1.76 -8.39
CA ILE A 56 5.34 1.74 -8.71
C ILE A 56 6.14 2.24 -7.51
N PHE A 57 5.63 3.27 -6.83
CA PHE A 57 6.29 3.74 -5.61
C PHE A 57 6.25 2.68 -4.52
N ARG A 58 5.11 2.02 -4.40
CA ARG A 58 4.91 1.04 -3.34
C ARG A 58 5.73 -0.22 -3.55
N GLY A 59 5.67 -0.79 -4.76
CA GLY A 59 6.43 -1.99 -5.04
C GLY A 59 7.65 -1.99 -5.96
N GLY A 60 7.84 -0.93 -6.73
CA GLY A 60 8.93 -0.92 -7.70
C GLY A 60 8.45 -1.59 -8.98
N LEU A 61 9.38 -1.90 -9.88
CA LEU A 61 9.03 -2.52 -11.15
C LEU A 61 9.72 -3.88 -11.37
N SER A 62 8.99 -4.82 -11.94
CA SER A 62 9.59 -6.09 -12.35
C SER A 62 10.57 -5.81 -13.47
N HIS A 63 11.56 -6.68 -13.62
CA HIS A 63 12.64 -6.45 -14.57
C HIS A 63 12.17 -6.31 -16.01
N ALA A 64 11.16 -7.09 -16.38
CA ALA A 64 10.63 -7.07 -17.75
C ALA A 64 9.91 -5.76 -18.06
N LEU A 65 9.24 -5.19 -17.06
CA LEU A 65 8.47 -3.96 -17.24
C LEU A 65 9.37 -2.72 -17.27
N ARG A 66 10.62 -2.90 -16.86
CA ARG A 66 11.52 -1.79 -16.60
C ARG A 66 11.79 -0.95 -17.85
N LYS A 67 11.92 -1.62 -18.99
CA LYS A 67 12.28 -0.94 -20.24
C LYS A 67 11.19 0.01 -20.75
N GLN A 68 9.92 -0.39 -20.67
CA GLN A 68 8.87 0.51 -21.14
C GLN A 68 8.49 1.56 -20.10
N ALA A 69 8.36 1.15 -18.84
CA ALA A 69 7.87 2.06 -17.79
C ALA A 69 8.85 3.17 -17.44
N TRP A 70 10.16 2.91 -17.55
CA TRP A 70 11.14 3.96 -17.27
C TRP A 70 10.96 5.11 -18.24
N LYS A 71 10.60 4.81 -19.48
CA LYS A 71 10.33 5.85 -20.47
C LYS A 71 9.25 6.82 -20.00
N PHE A 72 8.25 6.29 -19.30
CA PHE A 72 7.20 7.13 -18.75
C PHE A 72 7.68 7.81 -17.47
N LEU A 73 8.40 7.05 -16.65
CA LEU A 73 8.94 7.56 -15.40
C LEU A 73 9.89 8.74 -15.61
N LEU A 74 10.70 8.67 -16.65
CA LEU A 74 11.71 9.70 -16.89
C LEU A 74 11.19 10.89 -17.70
N GLY A 75 10.02 10.72 -18.32
CA GLY A 75 9.41 11.81 -19.07
C GLY A 75 9.58 11.75 -20.57
N TYR A 76 10.27 10.71 -21.05
CA TYR A 76 10.43 10.48 -22.48
C TYR A 76 9.07 10.25 -23.14
N PHE A 77 8.29 9.36 -22.55
CA PHE A 77 6.89 9.16 -22.92
C PHE A 77 5.98 9.87 -21.93
N PRO A 78 5.11 10.77 -22.43
CA PRO A 78 4.14 11.38 -21.53
C PRO A 78 3.07 10.38 -21.11
N TRP A 79 2.57 10.49 -19.89
CA TRP A 79 1.58 9.54 -19.37
C TRP A 79 0.28 9.56 -20.17
N ASP A 80 -0.12 10.74 -20.64
CA ASP A 80 -1.38 10.90 -21.36
C ASP A 80 -1.28 10.53 -22.84
N SER A 81 -0.10 10.12 -23.27
CA SER A 81 0.13 9.79 -24.68
C SER A 81 -0.58 8.51 -25.13
N THR A 82 -0.94 8.47 -26.41
CA THR A 82 -1.41 7.26 -27.05
C THR A 82 -0.22 6.55 -27.69
N LYS A 83 -0.46 5.40 -28.30
CA LYS A 83 0.64 4.69 -28.95
C LYS A 83 1.09 5.38 -30.23
N GLU A 84 0.14 5.86 -31.03
CA GLU A 84 0.50 6.52 -32.28
C GLU A 84 1.23 7.82 -32.03
N GLU A 85 0.95 8.49 -30.91
CA GLU A 85 1.66 9.70 -30.53
C GLU A 85 3.08 9.35 -30.10
N ARG A 86 3.25 8.18 -29.51
CA ARG A 86 4.55 7.71 -29.05
C ARG A 86 5.43 7.25 -30.21
N THR A 87 4.83 6.50 -31.15
CA THR A 87 5.56 6.01 -32.30
C THR A 87 5.94 7.17 -33.22
N GLU A 88 5.15 8.23 -33.19
CA GLU A 88 5.46 9.44 -33.93
C GLU A 88 6.58 10.19 -33.24
N LEU A 89 6.57 10.15 -31.90
CA LEU A 89 7.57 10.84 -31.10
C LEU A 89 8.95 10.22 -31.29
N GLN A 90 9.02 8.89 -31.29
CA GLN A 90 10.28 8.17 -31.47
C GLN A 90 10.91 8.47 -32.83
N LYS A 91 10.08 8.65 -33.84
CA LYS A 91 10.53 8.97 -35.19
C LYS A 91 11.27 10.30 -35.21
N GLN A 92 10.69 11.30 -34.55
CA GLN A 92 11.31 12.61 -34.50
C GLN A 92 12.56 12.59 -33.64
N LYS A 93 12.50 11.85 -32.53
CA LYS A 93 13.61 11.81 -31.59
C LYS A 93 14.80 11.02 -32.14
N THR A 94 14.52 10.01 -32.96
CA THR A 94 15.59 9.26 -33.61
C THR A 94 16.34 10.18 -34.57
N ASP A 95 15.60 10.89 -35.40
CA ASP A 95 16.18 11.83 -36.36
C ASP A 95 16.93 12.96 -35.67
N GLU A 96 16.36 13.45 -34.57
CA GLU A 96 16.97 14.54 -33.83
C GLU A 96 18.26 14.11 -33.16
N TYR A 97 18.31 12.84 -32.72
CA TYR A 97 19.50 12.32 -32.08
C TYR A 97 20.69 12.18 -33.03
N PHE A 98 20.49 11.45 -34.12
CA PHE A 98 21.59 11.15 -35.04
C PHE A 98 22.08 12.41 -35.75
N ARG A 99 21.20 13.40 -35.87
CA ARG A 99 21.59 14.71 -36.39
C ARG A 99 22.61 15.36 -35.47
N MET A 100 22.43 15.20 -34.16
CA MET A 100 23.34 15.75 -33.17
C MET A 100 24.61 14.90 -33.00
N LYS A 101 24.46 13.58 -33.17
CA LYS A 101 25.63 12.69 -33.08
C LYS A 101 26.59 12.97 -34.24
N LEU A 102 26.04 13.27 -35.41
CA LEU A 102 26.87 13.59 -36.57
C LEU A 102 27.69 14.85 -36.36
N GLN A 103 27.15 15.80 -35.59
CA GLN A 103 27.81 17.07 -35.34
C GLN A 103 29.18 16.92 -34.68
N TRP A 104 29.28 16.08 -33.64
CA TRP A 104 30.58 15.83 -33.02
C TRP A 104 31.40 14.77 -33.76
N LYS A 105 30.71 13.86 -34.44
CA LYS A 105 31.41 12.76 -35.10
C LYS A 105 32.11 13.20 -36.38
N SER A 106 31.67 14.33 -36.94
CA SER A 106 32.31 14.89 -38.12
C SER A 106 33.37 15.94 -37.76
N VAL A 107 33.62 16.14 -36.46
CA VAL A 107 34.67 17.05 -36.02
C VAL A 107 36.06 16.49 -36.34
N SER A 108 36.88 17.27 -37.03
CA SER A 108 38.20 16.81 -37.46
C SER A 108 39.27 17.10 -36.41
N GLU A 109 40.50 16.67 -36.70
CA GLU A 109 41.61 16.88 -35.79
C GLU A 109 41.92 18.37 -35.69
N GLU A 110 41.81 19.06 -36.82
CA GLU A 110 42.05 20.49 -36.88
C GLU A 110 41.01 21.27 -36.08
N GLN A 111 39.75 20.85 -36.12
CA GLN A 111 38.72 21.53 -35.34
C GLN A 111 38.94 21.35 -33.85
N GLU A 112 39.37 20.16 -33.44
CA GLU A 112 39.60 19.86 -32.03
C GLU A 112 40.74 20.72 -31.47
N LYS A 113 41.76 20.95 -32.29
CA LYS A 113 42.89 21.79 -31.89
C LYS A 113 42.40 23.18 -31.49
N ARG A 114 41.39 23.66 -32.22
CA ARG A 114 40.85 24.99 -32.02
C ARG A 114 39.58 25.05 -31.17
N ASN A 115 39.12 23.89 -30.69
CA ASN A 115 38.01 23.89 -29.74
C ASN A 115 38.47 23.32 -28.40
N SER A 116 38.66 24.21 -27.44
CA SER A 116 39.27 23.82 -26.16
C SER A 116 38.23 23.19 -25.23
N ARG A 117 37.02 23.74 -25.26
CA ARG A 117 35.92 23.23 -24.46
C ARG A 117 35.52 21.83 -24.89
N LEU A 118 35.50 21.58 -26.20
CA LEU A 118 35.10 20.29 -26.72
C LEU A 118 36.09 19.17 -26.36
N ARG A 119 37.38 19.40 -26.53
CA ARG A 119 38.34 18.35 -26.27
C ARG A 119 38.50 18.15 -24.76
N ASP A 120 38.11 19.17 -23.99
CA ASP A 120 38.09 19.02 -22.54
C ASP A 120 36.96 18.08 -22.14
N TYR A 121 35.77 18.30 -22.70
CA TYR A 121 34.63 17.41 -22.48
C TYR A 121 34.97 15.98 -22.87
N ARG A 122 35.65 15.82 -24.00
CA ARG A 122 35.96 14.49 -24.51
C ARG A 122 36.90 13.72 -23.60
N SER A 123 37.92 14.40 -23.07
CA SER A 123 38.89 13.76 -22.19
C SER A 123 38.26 13.39 -20.86
N LEU A 124 37.33 14.22 -20.38
CA LEU A 124 36.58 13.93 -19.15
C LEU A 124 35.66 12.72 -19.34
N ILE A 125 35.04 12.65 -20.53
CA ILE A 125 34.16 11.54 -20.88
C ILE A 125 34.94 10.23 -20.94
N GLU A 126 36.04 10.23 -21.68
CA GLU A 126 36.91 9.05 -21.79
C GLU A 126 37.40 8.60 -20.42
N LYS A 127 37.60 9.56 -19.53
CA LYS A 127 38.07 9.27 -18.18
C LYS A 127 37.00 8.55 -17.36
N ASP A 128 35.79 9.10 -17.34
CA ASP A 128 34.72 8.55 -16.52
C ASP A 128 34.20 7.24 -17.08
N VAL A 129 34.12 7.16 -18.41
CA VAL A 129 33.62 5.96 -19.07
C VAL A 129 34.47 4.75 -18.68
N ASN A 130 35.79 4.86 -18.76
CA ASN A 130 36.65 3.76 -18.33
C ASN A 130 36.48 3.41 -16.87
N ARG A 131 35.97 4.37 -16.11
CA ARG A 131 35.77 4.22 -14.67
C ARG A 131 34.37 3.72 -14.28
N THR A 132 33.43 3.73 -15.23
CA THR A 132 32.03 3.44 -14.94
C THR A 132 31.62 1.95 -15.00
N ASP A 133 31.23 1.41 -13.85
CA ASP A 133 30.54 0.11 -13.76
C ASP A 133 31.24 -1.00 -14.55
N ARG A 134 32.51 -1.20 -14.28
CA ARG A 134 33.33 -2.05 -15.14
C ARG A 134 33.23 -3.54 -14.82
N THR A 135 32.53 -3.89 -13.75
CA THR A 135 32.25 -5.30 -13.48
C THR A 135 30.87 -5.70 -13.95
N ASN A 136 30.12 -4.74 -14.49
CA ASN A 136 28.78 -5.02 -15.03
C ASN A 136 28.89 -5.62 -16.43
N LYS A 137 27.98 -6.54 -16.76
CA LYS A 137 28.05 -7.28 -18.02
C LYS A 137 27.97 -6.35 -19.24
N PHE A 138 27.30 -5.23 -19.07
CA PHE A 138 27.10 -4.26 -20.14
C PHE A 138 28.39 -3.51 -20.43
N TYR A 139 29.08 -3.10 -19.37
CA TYR A 139 30.29 -2.29 -19.48
C TYR A 139 31.62 -3.04 -19.28
N GLU A 140 31.55 -4.34 -19.05
CA GLU A 140 32.75 -5.14 -18.77
C GLU A 140 33.67 -5.29 -19.99
N GLY A 141 34.97 -5.12 -19.77
CA GLY A 141 35.96 -5.34 -20.82
C GLY A 141 36.14 -4.13 -21.69
N GLN A 142 37.32 -3.98 -22.28
CA GLN A 142 37.63 -2.79 -23.06
C GLN A 142 37.10 -2.89 -24.49
N ASP A 143 36.62 -4.08 -24.86
CA ASP A 143 36.07 -4.30 -26.19
C ASP A 143 34.53 -4.20 -26.24
N ASN A 144 33.92 -3.87 -25.11
CA ASN A 144 32.47 -3.90 -24.96
C ASN A 144 31.74 -2.79 -25.72
N PRO A 145 30.72 -3.16 -26.51
CA PRO A 145 29.92 -2.16 -27.22
C PRO A 145 29.22 -1.19 -26.28
N GLY A 146 28.96 -1.63 -25.05
CA GLY A 146 28.29 -0.81 -24.08
C GLY A 146 29.09 0.44 -23.74
N LEU A 147 30.40 0.30 -23.61
CA LEU A 147 31.25 1.44 -23.32
C LEU A 147 31.25 2.46 -24.45
N ILE A 148 31.16 1.96 -25.68
CA ILE A 148 31.12 2.82 -26.84
C ILE A 148 29.82 3.62 -26.80
N LEU A 149 28.73 2.92 -26.46
CA LEU A 149 27.42 3.55 -26.32
C LEU A 149 27.42 4.61 -25.22
N LEU A 150 28.04 4.30 -24.08
CA LEU A 150 28.20 5.29 -23.01
C LEU A 150 28.87 6.53 -23.55
N HIS A 151 30.00 6.29 -24.20
CA HIS A 151 30.81 7.37 -24.76
C HIS A 151 30.02 8.20 -25.75
N ASP A 152 29.37 7.53 -26.71
CA ASP A 152 28.65 8.19 -27.79
C ASP A 152 27.51 9.05 -27.27
N ILE A 153 26.71 8.49 -26.38
CA ILE A 153 25.57 9.22 -25.82
C ILE A 153 26.02 10.46 -25.07
N LEU A 154 27.11 10.33 -24.32
CA LEU A 154 27.65 11.44 -23.53
C LEU A 154 28.25 12.53 -24.41
N MET A 155 28.90 12.15 -25.51
CA MET A 155 29.41 13.13 -26.48
C MET A 155 28.26 13.88 -27.14
N THR A 156 27.20 13.14 -27.48
CA THR A 156 26.07 13.76 -28.15
C THR A 156 25.35 14.69 -27.19
N TYR A 157 25.36 14.36 -25.91
CA TYR A 157 24.75 15.27 -24.96
C TYR A 157 25.55 16.58 -24.88
N CYS A 158 26.83 16.51 -25.23
CA CYS A 158 27.66 17.72 -25.30
C CYS A 158 27.22 18.62 -26.44
N MET A 159 26.78 18.01 -27.53
CA MET A 159 26.23 18.77 -28.64
C MET A 159 24.86 19.33 -28.27
N TYR A 160 24.08 18.53 -27.57
CA TYR A 160 22.74 18.93 -27.13
C TYR A 160 22.81 20.10 -26.15
N ASP A 161 23.57 19.93 -25.07
CA ASP A 161 23.82 21.03 -24.15
C ASP A 161 25.31 21.32 -24.13
N PHE A 162 25.73 22.36 -24.83
CA PHE A 162 27.18 22.62 -24.92
C PHE A 162 27.71 23.39 -23.73
N ASP A 163 26.87 24.22 -23.14
CA ASP A 163 27.24 24.99 -21.97
C ASP A 163 27.60 24.07 -20.80
N LEU A 164 26.79 23.04 -20.58
CA LEU A 164 27.08 22.07 -19.53
C LEU A 164 28.11 21.04 -20.01
N GLY A 165 27.89 20.51 -21.20
CA GLY A 165 28.79 19.51 -21.77
C GLY A 165 28.80 18.22 -20.98
N TYR A 166 29.98 17.84 -20.51
CA TYR A 166 30.09 16.74 -19.56
C TYR A 166 30.70 17.22 -18.24
N VAL A 167 30.09 16.82 -17.14
CA VAL A 167 30.69 17.07 -15.82
C VAL A 167 30.79 15.74 -15.08
N GLN A 168 31.85 15.59 -14.29
CA GLN A 168 32.12 14.32 -13.60
C GLN A 168 30.93 13.87 -12.78
N GLY A 169 30.55 12.61 -12.97
CA GLY A 169 29.41 12.03 -12.30
C GLY A 169 28.21 11.78 -13.19
N MET A 170 28.21 12.34 -14.40
CA MET A 170 27.06 12.19 -15.31
C MET A 170 26.98 10.81 -15.96
N SER A 171 28.11 10.11 -16.08
CA SER A 171 28.12 8.76 -16.65
C SER A 171 27.50 7.80 -15.65
N ASP A 172 27.63 8.10 -14.36
CA ASP A 172 27.01 7.31 -13.28
C ASP A 172 25.50 7.43 -13.32
N LEU A 173 25.02 8.57 -13.83
CA LEU A 173 23.59 8.77 -14.01
C LEU A 173 23.09 8.08 -15.27
N LEU A 174 23.92 8.03 -16.32
CA LEU A 174 23.51 7.47 -17.59
C LEU A 174 23.51 5.94 -17.61
N SER A 175 24.53 5.35 -17.00
CA SER A 175 24.75 3.90 -17.12
C SER A 175 23.54 3.03 -16.74
N PRO A 176 22.79 3.37 -15.66
CA PRO A 176 21.61 2.53 -15.40
C PRO A 176 20.50 2.76 -16.42
N VAL A 177 20.43 3.98 -16.95
CA VAL A 177 19.44 4.32 -17.97
C VAL A 177 19.77 3.63 -19.29
N LEU A 178 21.05 3.58 -19.62
CA LEU A 178 21.48 2.88 -20.82
C LEU A 178 21.31 1.37 -20.67
N TYR A 179 21.56 0.85 -19.47
CA TYR A 179 21.40 -0.58 -19.19
C TYR A 179 19.96 -1.03 -19.42
N VAL A 180 19.02 -0.23 -18.95
CA VAL A 180 17.60 -0.55 -19.03
C VAL A 180 17.05 -0.38 -20.44
N MET A 181 17.35 0.74 -21.08
CA MET A 181 16.85 1.02 -22.43
C MET A 181 17.51 0.17 -23.52
N GLU A 182 18.82 -0.04 -23.41
CA GLU A 182 19.60 -0.83 -24.37
C GLU A 182 19.67 -0.22 -25.77
N ASN A 183 18.82 0.77 -26.03
CA ASN A 183 18.83 1.49 -27.30
C ASN A 183 19.53 2.83 -27.15
N GLU A 184 20.34 3.18 -28.14
CA GLU A 184 21.12 4.41 -28.09
C GLU A 184 20.21 5.65 -28.08
N VAL A 185 19.21 5.66 -28.96
CA VAL A 185 18.29 6.80 -29.04
C VAL A 185 17.46 6.97 -27.76
N ASP A 186 16.86 5.87 -27.32
CA ASP A 186 16.01 5.86 -26.14
C ASP A 186 16.79 6.24 -24.88
N ALA A 187 18.00 5.70 -24.74
CA ALA A 187 18.83 5.99 -23.58
C ALA A 187 19.22 7.46 -23.50
N PHE A 188 19.49 8.07 -24.65
CA PHE A 188 19.84 9.49 -24.67
C PHE A 188 18.70 10.37 -24.19
N TRP A 189 17.53 10.21 -24.78
CA TRP A 189 16.44 11.13 -24.47
C TRP A 189 15.89 10.92 -23.06
N CYS A 190 16.01 9.70 -22.55
CA CYS A 190 15.71 9.45 -21.15
C CYS A 190 16.76 10.11 -20.25
N PHE A 191 18.02 10.00 -20.65
CA PHE A 191 19.12 10.64 -19.93
C PHE A 191 18.98 12.16 -19.99
N ALA A 192 18.51 12.63 -21.14
CA ALA A 192 18.32 14.06 -21.39
C ALA A 192 17.27 14.66 -20.46
N SER A 193 16.16 13.95 -20.27
CA SER A 193 15.13 14.42 -19.35
C SER A 193 15.58 14.27 -17.90
N TYR A 194 16.32 13.20 -17.63
CA TYR A 194 16.92 12.99 -16.32
C TYR A 194 17.90 14.12 -15.99
N MET A 195 18.68 14.58 -16.98
CA MET A 195 19.62 15.67 -16.75
C MET A 195 18.94 17.01 -16.50
N ASP A 196 17.70 17.16 -16.96
CA ASP A 196 16.97 18.40 -16.77
C ASP A 196 16.72 18.63 -15.29
N GLN A 197 16.36 17.57 -14.58
CA GLN A 197 16.12 17.67 -13.14
C GLN A 197 17.42 17.67 -12.33
N MET A 198 18.46 17.08 -12.91
CA MET A 198 19.74 16.91 -12.23
C MET A 198 20.74 18.02 -12.57
N HIS A 199 20.29 18.98 -13.37
CA HIS A 199 21.19 19.94 -14.02
C HIS A 199 22.05 20.78 -13.07
N GLN A 200 21.44 21.35 -12.05
CA GLN A 200 22.15 22.29 -11.18
C GLN A 200 23.21 21.61 -10.32
N ASN A 201 23.21 20.28 -10.30
CA ASN A 201 24.26 19.54 -9.62
C ASN A 201 25.62 19.74 -10.28
N PHE A 202 25.61 19.77 -11.61
CA PHE A 202 26.84 19.81 -12.40
C PHE A 202 27.22 21.19 -12.95
N GLU A 203 26.44 22.22 -12.65
CA GLU A 203 26.73 23.57 -13.12
C GLU A 203 28.00 24.16 -12.51
N GLU A 204 28.64 25.08 -13.24
CA GLU A 204 29.97 25.62 -12.92
C GLU A 204 30.12 26.01 -11.47
N GLN A 205 29.41 27.06 -11.08
CA GLN A 205 29.31 27.39 -9.67
C GLN A 205 28.08 26.64 -9.24
N MET A 206 28.25 25.57 -8.46
CA MET A 206 27.13 24.67 -8.32
C MET A 206 26.27 25.02 -7.12
N GLN A 207 25.13 25.60 -7.46
CA GLN A 207 24.02 25.82 -6.57
C GLN A 207 23.11 24.63 -6.80
N GLY A 208 22.49 24.15 -5.75
CA GLY A 208 21.65 22.96 -5.87
C GLY A 208 22.40 21.77 -5.32
N MET A 209 23.73 21.84 -5.32
CA MET A 209 24.48 20.96 -4.45
C MET A 209 24.50 21.66 -3.10
N LYS A 210 24.74 22.97 -3.14
CA LYS A 210 24.76 23.79 -1.94
C LYS A 210 23.34 23.94 -1.39
N THR A 211 22.38 24.13 -2.29
CA THR A 211 20.96 24.22 -1.93
C THR A 211 20.46 22.91 -1.29
N GLN A 212 20.84 21.77 -1.86
CA GLN A 212 20.44 20.47 -1.30
C GLN A 212 21.06 20.21 0.06
N LEU A 213 22.31 20.62 0.25
CA LEU A 213 22.98 20.47 1.54
C LEU A 213 22.36 21.35 2.61
N ILE A 214 21.92 22.53 2.20
CA ILE A 214 21.24 23.46 3.09
C ILE A 214 19.86 22.90 3.44
N GLN A 215 19.15 22.43 2.43
CA GLN A 215 17.86 21.78 2.63
C GLN A 215 17.96 20.54 3.50
N LEU A 216 19.04 19.78 3.31
CA LEU A 216 19.22 18.54 4.03
C LEU A 216 19.46 18.78 5.51
N SER A 217 20.30 19.76 5.82
CA SER A 217 20.55 20.11 7.21
C SER A 217 19.31 20.65 7.89
N THR A 218 18.47 21.36 7.13
CA THR A 218 17.20 21.86 7.64
C THR A 218 16.31 20.71 8.07
N LEU A 219 16.30 19.63 7.28
CA LEU A 219 15.52 18.45 7.61
C LEU A 219 16.01 17.79 8.90
N LEU A 220 17.33 17.68 9.02
CA LEU A 220 17.95 17.02 10.17
C LEU A 220 17.76 17.78 11.47
N ARG A 221 17.81 19.10 11.39
CA ARG A 221 17.63 19.93 12.57
C ARG A 221 16.23 19.71 13.15
N LEU A 222 15.29 19.37 12.26
CA LEU A 222 13.92 19.07 12.67
C LEU A 222 13.83 17.67 13.26
N LEU A 223 14.56 16.71 12.69
CA LEU A 223 14.47 15.33 13.15
C LEU A 223 15.20 15.12 14.48
N ASP A 224 16.52 15.23 14.47
CA ASP A 224 17.27 15.24 15.70
C ASP A 224 18.18 16.46 15.70
N SER A 225 17.84 17.44 16.54
CA SER A 225 18.62 18.67 16.59
C SER A 225 19.83 18.47 17.49
N GLY A 226 19.78 17.45 18.33
CA GLY A 226 20.91 17.09 19.17
C GLY A 226 22.06 16.59 18.31
N PHE A 227 21.74 15.76 17.32
CA PHE A 227 22.71 15.21 16.38
C PHE A 227 23.31 16.32 15.52
N CYS A 228 22.50 17.30 15.17
CA CYS A 228 22.96 18.45 14.39
C CYS A 228 23.92 19.32 15.20
N SER A 229 23.60 19.49 16.49
CA SER A 229 24.47 20.24 17.38
C SER A 229 25.80 19.50 17.52
N TYR A 230 25.71 18.18 17.53
CA TYR A 230 26.91 17.35 17.59
C TYR A 230 27.80 17.59 16.38
N LEU A 231 27.19 17.55 15.19
CA LEU A 231 27.93 17.73 13.94
C LEU A 231 28.56 19.12 13.85
N GLU A 232 27.89 20.12 14.43
CA GLU A 232 28.43 21.47 14.42
C GLU A 232 29.66 21.57 15.31
N SER A 233 29.64 20.81 16.40
CA SER A 233 30.77 20.71 17.31
C SER A 233 31.93 19.99 16.63
N GLN A 234 31.60 19.06 15.76
CA GLN A 234 32.59 18.30 15.00
C GLN A 234 32.92 18.95 13.66
N ASP A 235 32.39 20.15 13.45
CA ASP A 235 32.63 20.94 12.24
C ASP A 235 32.10 20.25 10.99
N SER A 236 31.18 19.31 11.23
CA SER A 236 30.47 18.59 10.18
C SER A 236 29.12 19.24 9.85
N GLY A 237 28.88 20.42 10.43
CA GLY A 237 27.63 21.14 10.25
C GLY A 237 27.15 21.34 8.82
N TYR A 238 28.06 21.70 7.92
CA TYR A 238 27.74 21.64 6.50
C TYR A 238 28.01 20.19 6.17
N LEU A 239 27.08 19.49 5.52
CA LEU A 239 27.30 18.06 5.43
C LEU A 239 27.94 17.74 4.08
N TYR A 240 29.26 17.73 4.08
CA TYR A 240 30.00 17.47 2.85
C TYR A 240 30.14 15.98 2.63
N PHE A 241 29.99 15.22 3.70
CA PHE A 241 30.09 13.77 3.62
C PHE A 241 28.88 13.18 2.89
N CYS A 242 27.84 14.00 2.72
CA CYS A 242 26.65 13.61 1.96
C CYS A 242 26.76 13.96 0.49
N PHE A 243 27.87 14.58 0.11
CA PHE A 243 28.09 15.06 -1.26
C PHE A 243 27.93 13.94 -2.28
N ARG A 244 28.61 12.83 -2.05
CA ARG A 244 28.60 11.71 -2.98
C ARG A 244 27.20 11.13 -3.13
N TRP A 245 26.45 11.15 -2.03
CA TRP A 245 25.06 10.70 -2.04
C TRP A 245 24.24 11.51 -3.01
N LEU A 246 24.33 12.83 -2.85
CA LEU A 246 23.45 13.73 -3.56
C LEU A 246 23.79 13.93 -5.04
N LEU A 247 25.08 13.98 -5.36
CA LEU A 247 25.51 14.28 -6.72
C LEU A 247 24.97 13.22 -7.68
N ILE A 248 25.32 11.97 -7.43
CA ILE A 248 24.92 10.86 -8.27
C ILE A 248 23.72 10.05 -7.77
N ARG A 249 23.05 10.55 -6.73
CA ARG A 249 21.83 9.93 -6.23
C ARG A 249 22.05 8.51 -5.71
N PHE A 250 23.04 8.34 -4.85
CA PHE A 250 23.30 7.09 -4.12
C PHE A 250 23.93 5.99 -4.98
N LYS A 251 24.18 6.28 -6.26
CA LYS A 251 24.68 5.30 -7.22
C LYS A 251 25.86 4.49 -6.66
N ARG A 252 26.71 5.15 -5.89
CA ARG A 252 27.89 4.51 -5.33
C ARG A 252 27.62 3.72 -4.05
N GLU A 253 26.43 3.86 -3.49
CA GLU A 253 26.13 3.19 -2.22
C GLU A 253 25.34 1.90 -2.39
N PHE A 254 24.98 1.56 -3.63
CA PHE A 254 24.11 0.42 -3.86
C PHE A 254 24.58 -0.44 -5.02
N SER A 255 24.15 -1.69 -5.01
CA SER A 255 24.42 -2.59 -6.10
C SER A 255 23.65 -2.06 -7.30
N PHE A 256 24.07 -2.46 -8.48
CA PHE A 256 23.46 -1.99 -9.71
C PHE A 256 21.97 -2.30 -9.77
N LEU A 257 21.57 -3.48 -9.28
CA LEU A 257 20.16 -3.88 -9.28
C LEU A 257 19.36 -3.09 -8.26
N ASP A 258 20.00 -2.78 -7.13
CA ASP A 258 19.39 -2.00 -6.06
C ASP A 258 19.06 -0.59 -6.52
N ILE A 259 19.99 -0.01 -7.27
CA ILE A 259 19.84 1.34 -7.80
C ILE A 259 18.65 1.42 -8.74
N LEU A 260 18.48 0.40 -9.58
CA LEU A 260 17.33 0.36 -10.50
C LEU A 260 16.04 0.52 -9.74
N ARG A 261 15.91 -0.25 -8.67
CA ARG A 261 14.72 -0.20 -7.83
C ARG A 261 14.63 1.13 -7.11
N LEU A 262 15.75 1.61 -6.58
CA LEU A 262 15.76 2.87 -5.83
C LEU A 262 15.31 4.04 -6.69
N TRP A 263 15.78 4.10 -7.93
CA TRP A 263 15.46 5.23 -8.80
C TRP A 263 14.04 5.17 -9.38
N GLU A 264 13.56 3.96 -9.66
CA GLU A 264 12.17 3.73 -10.09
C GLU A 264 11.18 4.38 -9.16
N VAL A 265 11.41 4.15 -7.88
CA VAL A 265 10.55 4.63 -6.82
C VAL A 265 10.63 6.14 -6.71
N MET A 266 11.86 6.68 -6.75
CA MET A 266 12.06 8.13 -6.67
C MET A 266 11.31 8.88 -7.77
N TRP A 267 11.38 8.35 -8.99
CA TRP A 267 10.86 9.05 -10.17
C TRP A 267 9.33 9.15 -10.21
N THR A 268 8.66 8.43 -9.32
CA THR A 268 7.21 8.56 -9.19
C THR A 268 6.83 9.92 -8.63
N GLU A 269 7.81 10.55 -7.98
CA GLU A 269 7.65 11.83 -7.29
C GLU A 269 6.73 11.70 -6.08
N LEU A 270 6.61 10.47 -5.59
CA LEU A 270 5.83 10.18 -4.39
C LEU A 270 6.82 9.74 -3.32
N PRO A 271 6.46 9.91 -2.03
CA PRO A 271 5.27 10.53 -1.44
C PRO A 271 5.27 12.06 -1.49
N CYS A 272 6.46 12.65 -1.50
CA CYS A 272 6.62 14.10 -1.45
C CYS A 272 7.76 14.54 -2.36
N LYS A 273 7.94 15.86 -2.47
CA LYS A 273 9.07 16.43 -3.19
C LYS A 273 10.37 16.23 -2.41
N ASN A 274 11.48 16.08 -3.13
CA ASN A 274 12.81 15.91 -2.55
C ASN A 274 12.89 14.71 -1.62
N PHE A 275 12.29 13.61 -2.05
CA PHE A 275 12.26 12.37 -1.29
C PHE A 275 13.68 11.87 -1.06
N HIS A 276 14.57 12.12 -2.02
CA HIS A 276 15.96 11.68 -1.94
C HIS A 276 16.68 12.32 -0.75
N LEU A 277 16.16 13.44 -0.27
CA LEU A 277 16.72 14.08 0.92
C LEU A 277 16.34 13.30 2.17
N LEU A 278 15.12 12.76 2.19
CA LEU A 278 14.65 11.95 3.30
C LEU A 278 15.34 10.59 3.33
N LEU A 279 15.78 10.11 2.16
CA LEU A 279 16.57 8.90 2.10
C LEU A 279 17.91 9.13 2.80
N CYS A 280 18.46 10.33 2.63
CA CYS A 280 19.66 10.71 3.36
C CYS A 280 19.42 10.69 4.87
N CYS A 281 18.31 11.29 5.28
CA CYS A 281 17.90 11.28 6.68
C CYS A 281 17.75 9.86 7.20
N ALA A 282 17.11 9.01 6.40
CA ALA A 282 16.86 7.61 6.76
C ALA A 282 18.16 6.88 7.07
N ILE A 283 19.12 7.02 6.17
CA ILE A 283 20.43 6.40 6.36
C ILE A 283 21.14 7.02 7.56
N LEU A 284 21.04 8.35 7.66
CA LEU A 284 21.79 9.09 8.68
C LEU A 284 21.30 8.80 10.10
N GLU A 285 20.01 8.52 10.25
CA GLU A 285 19.48 8.20 11.57
C GLU A 285 19.88 6.81 12.02
N SER A 286 20.20 5.94 11.06
CA SER A 286 20.62 4.59 11.40
C SER A 286 22.06 4.57 11.91
N GLU A 287 22.86 5.52 11.43
CA GLU A 287 24.26 5.61 11.83
C GLU A 287 24.51 6.64 12.93
N LYS A 288 23.43 7.29 13.34
CA LYS A 288 23.47 8.38 14.31
C LYS A 288 24.14 8.01 15.65
N GLN A 289 23.80 6.84 16.18
CA GLN A 289 24.36 6.40 17.47
C GLN A 289 25.85 6.08 17.41
N GLN A 290 26.27 5.34 16.40
CA GLN A 290 27.67 4.94 16.27
C GLN A 290 28.56 6.17 16.15
N ILE A 291 28.10 7.17 15.41
CA ILE A 291 28.87 8.38 15.17
C ILE A 291 29.04 9.16 16.48
N MET A 292 27.97 9.26 17.25
CA MET A 292 28.01 10.03 18.49
C MET A 292 28.73 9.27 19.62
N GLU A 293 28.46 7.97 19.77
CA GLU A 293 29.16 7.17 20.78
C GLU A 293 30.67 7.14 20.59
N LYS A 294 31.11 6.73 19.42
CA LYS A 294 32.54 6.63 19.13
C LYS A 294 33.16 8.01 18.94
N HIS A 295 32.30 9.03 18.96
CA HIS A 295 32.75 10.42 18.95
C HIS A 295 33.52 10.75 17.68
N TYR A 296 32.96 10.34 16.53
CA TYR A 296 33.61 10.57 15.25
C TYR A 296 33.69 12.05 14.92
N GLY A 297 34.82 12.45 14.32
CA GLY A 297 35.00 13.80 13.82
C GLY A 297 34.73 13.77 12.33
N PHE A 298 34.92 14.89 11.64
CA PHE A 298 34.60 15.00 10.22
C PHE A 298 35.25 13.90 9.38
N ASN A 299 36.50 13.57 9.69
CA ASN A 299 37.22 12.54 8.94
C ASN A 299 36.64 11.15 9.16
N GLU A 300 36.39 10.81 10.42
CA GLU A 300 35.88 9.50 10.79
C GLU A 300 34.48 9.30 10.25
N ILE A 301 33.72 10.39 10.21
CA ILE A 301 32.36 10.37 9.68
C ILE A 301 32.37 10.10 8.17
N LEU A 302 33.24 10.80 7.46
CA LEU A 302 33.35 10.62 6.01
C LEU A 302 33.81 9.20 5.66
N LYS A 303 34.74 8.67 6.45
CA LYS A 303 35.20 7.30 6.24
C LYS A 303 34.09 6.30 6.56
N HIS A 304 33.40 6.53 7.66
CA HIS A 304 32.33 5.64 8.09
C HIS A 304 31.20 5.58 7.07
N ILE A 305 30.87 6.72 6.47
CA ILE A 305 29.82 6.78 5.47
C ILE A 305 30.26 6.21 4.12
N ASN A 306 31.51 6.42 3.75
CA ASN A 306 32.02 5.82 2.51
C ASN A 306 32.08 4.29 2.62
N GLU A 307 32.43 3.79 3.81
CA GLU A 307 32.52 2.35 4.02
C GLU A 307 31.16 1.71 4.18
N LEU A 308 30.14 2.57 4.20
CA LEU A 308 28.76 2.14 4.38
C LEU A 308 28.19 1.65 3.05
N SER A 309 29.00 1.83 1.99
CA SER A 309 28.62 1.44 0.63
C SER A 309 28.35 -0.06 0.48
N MET A 310 27.27 -0.38 -0.21
CA MET A 310 26.83 -1.75 -0.49
C MET A 310 26.30 -2.47 0.75
N LYS A 311 26.41 -1.81 1.89
CA LYS A 311 25.98 -2.40 3.16
C LYS A 311 24.57 -1.96 3.56
N ILE A 312 23.95 -1.16 2.70
CA ILE A 312 22.64 -0.59 2.98
C ILE A 312 21.53 -1.36 2.28
N ASP A 313 20.50 -1.76 3.04
CA ASP A 313 19.34 -2.44 2.46
C ASP A 313 18.36 -1.41 1.90
N VAL A 314 17.93 -1.64 0.65
CA VAL A 314 17.09 -0.67 -0.04
C VAL A 314 15.70 -0.60 0.55
N GLU A 315 15.11 -1.77 0.79
CA GLU A 315 13.73 -1.86 1.23
C GLU A 315 13.58 -1.21 2.61
N ASP A 316 14.56 -1.45 3.48
CA ASP A 316 14.57 -0.86 4.81
C ASP A 316 14.65 0.66 4.74
N VAL A 317 15.48 1.17 3.85
CA VAL A 317 15.68 2.60 3.71
C VAL A 317 14.46 3.28 3.10
N LEU A 318 13.89 2.66 2.07
CA LEU A 318 12.68 3.20 1.46
C LEU A 318 11.54 3.27 2.47
N CYS A 319 11.47 2.28 3.37
CA CYS A 319 10.46 2.28 4.42
C CYS A 319 10.66 3.40 5.42
N LYS A 320 11.89 3.54 5.92
CA LYS A 320 12.19 4.59 6.90
C LYS A 320 11.99 5.98 6.31
N ALA A 321 12.41 6.16 5.06
CA ALA A 321 12.30 7.46 4.40
C ALA A 321 10.84 7.86 4.24
N GLU A 322 10.00 6.90 3.86
CA GLU A 322 8.57 7.17 3.73
C GLU A 322 7.93 7.37 5.10
N ALA A 323 8.39 6.60 6.08
CA ALA A 323 7.85 6.71 7.43
C ALA A 323 8.05 8.14 7.94
N ILE A 324 9.25 8.65 7.72
CA ILE A 324 9.60 10.03 8.06
C ILE A 324 8.73 11.06 7.36
N SER A 325 8.49 10.87 6.07
CA SER A 325 7.68 11.82 5.30
C SER A 325 6.25 11.86 5.80
N LEU A 326 5.74 10.69 6.19
CA LEU A 326 4.38 10.60 6.71
C LEU A 326 4.30 11.37 8.00
N GLN A 327 5.36 11.25 8.81
CA GLN A 327 5.41 11.88 10.12
C GLN A 327 5.56 13.40 10.03
N MET A 328 6.24 13.87 8.98
CA MET A 328 6.43 15.30 8.78
C MET A 328 5.20 16.00 8.21
N VAL A 329 4.60 15.40 7.18
CA VAL A 329 3.42 15.94 6.54
C VAL A 329 2.22 16.07 7.50
N LYS A 330 2.07 15.09 8.38
CA LYS A 330 1.00 15.11 9.39
C LYS A 330 1.17 16.19 10.44
N CYS A 331 2.39 16.70 10.60
CA CYS A 331 2.70 17.62 11.69
C CYS A 331 2.17 19.02 11.44
N LYS A 332 1.34 19.50 12.37
CA LYS A 332 0.72 20.81 12.24
C LYS A 332 1.71 21.93 12.56
N GLU A 333 2.73 21.63 13.36
CA GLU A 333 3.74 22.63 13.72
C GLU A 333 4.95 22.61 12.78
N LEU A 334 4.87 21.85 11.69
CA LEU A 334 5.96 21.75 10.73
C LEU A 334 6.34 23.14 10.21
N PRO A 335 7.64 23.49 10.24
CA PRO A 335 8.08 24.82 9.81
C PRO A 335 7.98 25.02 8.31
N GLN A 336 7.71 26.25 7.89
CA GLN A 336 7.46 26.55 6.48
C GLN A 336 8.63 26.21 5.57
N ALA A 337 9.86 26.34 6.07
CA ALA A 337 11.04 26.00 5.29
C ALA A 337 11.00 24.54 4.85
N VAL A 338 10.58 23.67 5.78
CA VAL A 338 10.46 22.25 5.48
C VAL A 338 9.26 22.00 4.60
N CYS A 339 8.18 22.74 4.82
CA CYS A 339 6.96 22.62 4.01
C CYS A 339 7.28 22.84 2.53
N GLU A 340 8.14 23.81 2.26
CA GLU A 340 8.54 24.11 0.88
C GLU A 340 9.36 22.96 0.28
N ILE A 341 10.29 22.42 1.09
CA ILE A 341 11.17 21.34 0.67
C ILE A 341 10.36 20.10 0.30
N LEU A 342 9.34 19.80 1.09
CA LEU A 342 8.54 18.61 0.86
C LEU A 342 7.51 18.85 -0.23
N GLY A 343 7.39 20.09 -0.67
CA GLY A 343 6.54 20.42 -1.80
C GLY A 343 5.10 20.69 -1.41
N LEU A 344 4.87 21.00 -0.14
CA LEU A 344 3.52 21.28 0.34
C LEU A 344 3.10 22.69 -0.07
N GLN A 345 4.04 23.45 -0.62
CA GLN A 345 3.76 24.77 -1.15
C GLN A 345 4.18 24.87 -2.62
N LEU B 19 -8.52 14.60 21.78
CA LEU B 19 -8.43 13.29 21.16
C LEU B 19 -7.04 12.99 20.63
N GLY B 20 -6.33 14.02 20.21
CA GLY B 20 -5.00 13.85 19.66
C GLY B 20 -4.99 13.69 18.15
N GLU B 21 -3.83 13.33 17.60
CA GLU B 21 -3.67 13.17 16.17
C GLU B 21 -3.93 11.73 15.72
N ARG B 22 -4.51 11.57 14.54
CA ARG B 22 -4.81 10.25 14.01
C ARG B 22 -3.59 9.69 13.28
N PRO B 23 -3.11 8.51 13.71
CA PRO B 23 -1.93 7.88 13.09
C PRO B 23 -2.20 7.34 11.69
N VAL B 24 -1.14 7.11 10.92
CA VAL B 24 -1.26 6.45 9.63
C VAL B 24 -0.99 4.96 9.77
N VAL B 25 -1.89 4.14 9.24
CA VAL B 25 -1.71 2.69 9.28
C VAL B 25 -1.49 2.15 7.88
N GLN B 26 -0.52 1.25 7.74
CA GLN B 26 -0.27 0.57 6.48
C GLN B 26 -0.46 -0.93 6.67
N ARG B 27 -1.12 -1.57 5.72
CA ARG B 27 -1.42 -2.99 5.86
C ARG B 27 -0.40 -3.91 5.21
N ARG B 28 -0.22 -5.05 5.86
CA ARG B 28 0.72 -6.10 5.48
C ARG B 28 0.13 -6.95 4.35
N GLU B 29 0.99 -7.67 3.63
CA GLU B 29 0.52 -8.61 2.61
C GLU B 29 -0.20 -9.79 3.27
N PRO B 30 -1.16 -10.40 2.55
CA PRO B 30 -1.93 -11.51 3.13
C PRO B 30 -1.07 -12.74 3.43
N VAL B 31 -1.48 -13.50 4.44
CA VAL B 31 -0.73 -14.67 4.88
C VAL B 31 -0.79 -15.80 3.85
N SER B 32 0.40 -16.26 3.46
CA SER B 32 0.56 -17.35 2.50
C SER B 32 0.33 -18.72 3.13
N LEU B 33 0.05 -19.71 2.31
CA LEU B 33 -0.04 -21.10 2.74
C LEU B 33 1.23 -21.52 3.49
N GLU B 34 2.38 -21.04 3.01
CA GLU B 34 3.67 -21.45 3.57
C GLU B 34 3.88 -20.92 4.97
N GLU B 35 3.55 -19.65 5.18
CA GLU B 35 3.59 -19.04 6.51
C GLU B 35 2.69 -19.80 7.49
N TRP B 36 1.58 -20.30 6.98
CA TRP B 36 0.63 -21.06 7.78
C TRP B 36 1.22 -22.38 8.24
N THR B 37 1.78 -23.13 7.29
CA THR B 37 2.38 -24.43 7.58
C THR B 37 3.54 -24.35 8.57
N LYS B 38 4.17 -23.17 8.65
CA LYS B 38 5.27 -22.95 9.59
C LYS B 38 4.79 -23.02 11.04
N ASN B 39 3.58 -22.55 11.28
CA ASN B 39 3.01 -22.54 12.62
C ASN B 39 2.35 -23.86 12.99
N ILE B 40 2.41 -24.83 12.08
CA ILE B 40 1.81 -26.13 12.32
C ILE B 40 2.82 -27.18 12.80
N ASP B 41 2.47 -27.83 13.91
CA ASP B 41 3.32 -28.85 14.51
C ASP B 41 3.17 -30.18 13.76
N SER B 42 3.91 -31.20 14.19
CA SER B 42 3.87 -32.51 13.56
C SER B 42 2.53 -33.20 13.82
N GLU B 43 1.93 -32.89 14.95
CA GLU B 43 0.62 -33.41 15.32
C GLU B 43 -0.47 -32.69 14.55
N GLY B 44 -0.08 -31.62 13.86
CA GLY B 44 -1.00 -30.84 13.05
C GLY B 44 -1.70 -29.72 13.82
N ARG B 45 -1.25 -29.48 15.05
CA ARG B 45 -1.77 -28.36 15.82
C ARG B 45 -1.15 -27.05 15.34
N ILE B 46 -1.63 -25.93 15.87
CA ILE B 46 -1.05 -24.64 15.53
C ILE B 46 -0.21 -24.09 16.68
N LEU B 47 1.04 -23.74 16.39
CA LEU B 47 2.00 -23.36 17.41
C LEU B 47 1.72 -21.98 17.99
N ASN B 48 1.92 -20.93 17.21
CA ASN B 48 1.64 -19.59 17.70
C ASN B 48 0.30 -19.09 17.20
N VAL B 49 -0.67 -19.04 18.11
CA VAL B 49 -2.03 -18.64 17.80
C VAL B 49 -2.17 -17.13 17.73
N ASP B 50 -1.93 -16.48 18.86
CA ASP B 50 -1.97 -15.02 18.97
C ASP B 50 -1.18 -14.33 17.86
N ASN B 51 -0.02 -14.88 17.54
CA ASN B 51 0.81 -14.33 16.46
C ASN B 51 0.14 -14.47 15.10
N MET B 52 -0.45 -15.64 14.85
CA MET B 52 -1.15 -15.88 13.58
C MET B 52 -2.37 -15.00 13.44
N LYS B 53 -3.09 -14.78 14.53
CA LYS B 53 -4.27 -13.92 14.50
C LYS B 53 -3.88 -12.48 14.18
N GLN B 54 -2.78 -12.04 14.75
CA GLN B 54 -2.28 -10.69 14.51
C GLN B 54 -1.86 -10.54 13.05
N MET B 55 -1.27 -11.59 12.50
CA MET B 55 -0.84 -11.62 11.10
C MET B 55 -2.03 -11.59 10.15
N ILE B 56 -3.10 -12.32 10.50
CA ILE B 56 -4.30 -12.35 9.69
C ILE B 56 -5.02 -11.00 9.74
N PHE B 57 -5.04 -10.37 10.92
CA PHE B 57 -5.66 -9.06 11.05
C PHE B 57 -4.91 -8.01 10.22
N ARG B 58 -3.59 -8.05 10.29
CA ARG B 58 -2.75 -7.06 9.63
C ARG B 58 -2.73 -7.21 8.11
N GLY B 59 -2.53 -8.42 7.62
CA GLY B 59 -2.52 -8.65 6.18
C GLY B 59 -3.69 -9.38 5.53
N GLY B 60 -4.52 -10.05 6.31
CA GLY B 60 -5.59 -10.86 5.75
C GLY B 60 -5.10 -12.25 5.43
N LEU B 61 -5.87 -12.98 4.63
CA LEU B 61 -5.50 -14.32 4.21
C LEU B 61 -5.47 -14.43 2.70
N SER B 62 -4.49 -15.17 2.16
CA SER B 62 -4.50 -15.46 0.74
C SER B 62 -5.70 -16.35 0.45
N HIS B 63 -6.24 -16.26 -0.76
CA HIS B 63 -7.50 -16.92 -1.08
C HIS B 63 -7.44 -18.43 -0.96
N ALA B 64 -6.29 -19.02 -1.30
CA ALA B 64 -6.14 -20.47 -1.26
C ALA B 64 -6.19 -21.03 0.16
N LEU B 65 -5.68 -20.26 1.12
CA LEU B 65 -5.60 -20.68 2.51
C LEU B 65 -6.96 -20.53 3.20
N ARG B 66 -7.86 -19.84 2.52
CA ARG B 66 -9.12 -19.37 3.07
C ARG B 66 -10.04 -20.50 3.55
N LYS B 67 -10.04 -21.63 2.84
CA LYS B 67 -10.94 -22.73 3.17
C LYS B 67 -10.58 -23.41 4.50
N GLN B 68 -9.31 -23.64 4.73
CA GLN B 68 -8.87 -24.29 5.97
C GLN B 68 -8.79 -23.31 7.14
N ALA B 69 -8.27 -22.10 6.89
CA ALA B 69 -8.05 -21.13 7.95
C ALA B 69 -9.34 -20.56 8.56
N TRP B 70 -10.39 -20.43 7.75
CA TRP B 70 -11.67 -19.91 8.25
C TRP B 70 -12.27 -20.82 9.31
N LYS B 71 -12.13 -22.13 9.11
CA LYS B 71 -12.62 -23.12 10.07
C LYS B 71 -12.04 -22.83 11.45
N PHE B 72 -10.81 -22.32 11.48
CA PHE B 72 -10.16 -21.94 12.72
C PHE B 72 -10.63 -20.58 13.23
N LEU B 73 -10.74 -19.60 12.33
CA LEU B 73 -11.22 -18.27 12.68
C LEU B 73 -12.62 -18.31 13.27
N LEU B 74 -13.48 -19.14 12.69
CA LEU B 74 -14.88 -19.20 13.06
C LEU B 74 -15.16 -20.11 14.27
N GLY B 75 -14.21 -20.97 14.60
CA GLY B 75 -14.33 -21.83 15.77
C GLY B 75 -14.76 -23.25 15.46
N TYR B 76 -14.97 -23.55 14.18
CA TYR B 76 -15.30 -24.90 13.73
C TYR B 76 -14.16 -25.84 14.09
N PHE B 77 -12.94 -25.44 13.77
CA PHE B 77 -11.75 -26.14 14.25
C PHE B 77 -11.12 -25.36 15.40
N PRO B 78 -10.96 -25.99 16.57
CA PRO B 78 -10.25 -25.32 17.67
C PRO B 78 -8.76 -25.21 17.37
N TRP B 79 -8.14 -24.11 17.79
CA TRP B 79 -6.74 -23.85 17.47
C TRP B 79 -5.78 -24.90 18.04
N ASP B 80 -6.06 -25.38 19.25
CA ASP B 80 -5.18 -26.31 19.94
C ASP B 80 -5.41 -27.75 19.50
N SER B 81 -6.34 -27.96 18.58
CA SER B 81 -6.65 -29.30 18.09
C SER B 81 -5.51 -29.88 17.25
N THR B 82 -5.38 -31.20 17.29
CA THR B 82 -4.46 -31.90 16.41
C THR B 82 -5.20 -32.28 15.14
N LYS B 83 -4.51 -32.90 14.18
CA LYS B 83 -5.16 -33.28 12.93
C LYS B 83 -6.10 -34.46 13.12
N GLU B 84 -5.67 -35.44 13.90
CA GLU B 84 -6.49 -36.63 14.13
C GLU B 84 -7.76 -36.26 14.90
N GLU B 85 -7.67 -35.21 15.71
CA GLU B 85 -8.82 -34.70 16.44
C GLU B 85 -9.81 -33.97 15.53
N ARG B 86 -9.28 -33.32 14.49
CA ARG B 86 -10.10 -32.56 13.56
C ARG B 86 -10.87 -33.47 12.60
N THR B 87 -10.21 -34.51 12.10
CA THR B 87 -10.84 -35.46 11.19
C THR B 87 -11.92 -36.26 11.92
N GLU B 88 -11.75 -36.44 13.23
CA GLU B 88 -12.75 -37.07 14.07
C GLU B 88 -13.91 -36.10 14.30
N LEU B 89 -13.58 -34.82 14.41
CA LEU B 89 -14.59 -33.79 14.65
C LEU B 89 -15.51 -33.67 13.44
N GLN B 90 -14.93 -33.69 12.24
CA GLN B 90 -15.72 -33.63 11.02
C GLN B 90 -16.65 -34.84 10.91
N LYS B 91 -16.20 -36.00 11.41
CA LYS B 91 -17.05 -37.17 11.35
C LYS B 91 -18.30 -36.97 12.19
N GLN B 92 -18.12 -36.45 13.40
CA GLN B 92 -19.23 -36.21 14.31
C GLN B 92 -20.14 -35.13 13.78
N LYS B 93 -19.55 -34.07 13.24
CA LYS B 93 -20.30 -32.92 12.76
C LYS B 93 -21.09 -33.27 11.51
N THR B 94 -20.55 -34.18 10.71
CA THR B 94 -21.25 -34.66 9.53
C THR B 94 -22.52 -35.43 9.90
N ASP B 95 -22.40 -36.34 10.86
CA ASP B 95 -23.55 -37.13 11.29
C ASP B 95 -24.60 -36.21 11.92
N GLU B 96 -24.14 -35.27 12.73
CA GLU B 96 -25.05 -34.37 13.43
C GLU B 96 -25.79 -33.46 12.47
N TYR B 97 -25.14 -33.08 11.37
CA TYR B 97 -25.80 -32.23 10.38
C TYR B 97 -26.95 -32.96 9.70
N PHE B 98 -26.67 -34.13 9.13
CA PHE B 98 -27.67 -34.87 8.37
C PHE B 98 -28.79 -35.41 9.25
N ARG B 99 -28.47 -35.64 10.52
CA ARG B 99 -29.48 -36.03 11.49
C ARG B 99 -30.51 -34.91 11.62
N MET B 100 -30.01 -33.67 11.63
CA MET B 100 -30.88 -32.50 11.72
C MET B 100 -31.54 -32.18 10.39
N LYS B 101 -30.86 -32.48 9.29
CA LYS B 101 -31.43 -32.24 7.97
C LYS B 101 -32.62 -33.15 7.73
N LEU B 102 -32.53 -34.38 8.21
CA LEU B 102 -33.60 -35.36 8.06
C LEU B 102 -34.86 -34.90 8.78
N GLN B 103 -34.66 -34.16 9.87
CA GLN B 103 -35.77 -33.66 10.68
C GLN B 103 -36.71 -32.76 9.88
N TRP B 104 -36.15 -31.80 9.15
CA TRP B 104 -36.99 -30.93 8.33
C TRP B 104 -37.34 -31.60 7.01
N LYS B 105 -36.49 -32.50 6.54
CA LYS B 105 -36.72 -33.10 5.23
C LYS B 105 -37.80 -34.19 5.28
N SER B 106 -38.04 -34.75 6.46
CA SER B 106 -39.07 -35.77 6.61
C SER B 106 -40.41 -35.20 7.05
N VAL B 107 -40.49 -33.88 7.17
CA VAL B 107 -41.75 -33.25 7.55
C VAL B 107 -42.77 -33.41 6.43
N SER B 108 -43.93 -33.95 6.79
CA SER B 108 -44.96 -34.23 5.80
C SER B 108 -45.85 -33.02 5.60
N GLU B 109 -46.80 -33.14 4.68
CA GLU B 109 -47.69 -32.03 4.36
C GLU B 109 -48.65 -31.75 5.53
N GLU B 110 -49.11 -32.80 6.20
CA GLU B 110 -49.99 -32.62 7.35
C GLU B 110 -49.29 -31.93 8.51
N GLN B 111 -48.02 -32.27 8.71
CA GLN B 111 -47.22 -31.62 9.75
C GLN B 111 -47.04 -30.15 9.41
N GLU B 112 -46.86 -29.89 8.11
CA GLU B 112 -46.66 -28.54 7.61
C GLU B 112 -47.89 -27.66 7.85
N LYS B 113 -49.08 -28.23 7.65
CA LYS B 113 -50.32 -27.50 7.93
C LYS B 113 -50.40 -27.10 9.39
N ARG B 114 -49.88 -27.96 10.26
CA ARG B 114 -49.98 -27.74 11.70
C ARG B 114 -48.75 -27.09 12.33
N ASN B 115 -47.73 -26.79 11.53
CA ASN B 115 -46.59 -26.01 12.05
C ASN B 115 -46.46 -24.66 11.33
N SER B 116 -46.82 -23.58 12.01
CA SER B 116 -46.89 -22.26 11.39
C SER B 116 -45.53 -21.57 11.30
N ARG B 117 -44.71 -21.71 12.34
CA ARG B 117 -43.38 -21.11 12.32
C ARG B 117 -42.51 -21.74 11.25
N LEU B 118 -42.64 -23.05 11.07
CA LEU B 118 -41.83 -23.78 10.12
C LEU B 118 -42.11 -23.34 8.68
N ARG B 119 -43.38 -23.25 8.31
CA ARG B 119 -43.72 -22.89 6.95
C ARG B 119 -43.52 -21.40 6.69
N ASP B 120 -43.45 -20.62 7.76
CA ASP B 120 -43.06 -19.22 7.64
C ASP B 120 -41.57 -19.10 7.33
N TYR B 121 -40.76 -19.81 8.10
CA TYR B 121 -39.31 -19.85 7.87
C TYR B 121 -39.02 -20.29 6.43
N ARG B 122 -39.76 -21.29 5.98
CA ARG B 122 -39.51 -21.90 4.68
C ARG B 122 -39.78 -20.91 3.55
N SER B 123 -40.87 -20.15 3.69
CA SER B 123 -41.22 -19.17 2.66
C SER B 123 -40.25 -18.00 2.64
N LEU B 124 -39.77 -17.61 3.82
CA LEU B 124 -38.79 -16.54 3.93
C LEU B 124 -37.48 -16.97 3.31
N ILE B 125 -37.11 -18.22 3.56
CA ILE B 125 -35.89 -18.80 2.98
C ILE B 125 -35.99 -18.86 1.46
N GLU B 126 -37.07 -19.45 0.97
CA GLU B 126 -37.33 -19.56 -0.47
C GLU B 126 -37.35 -18.20 -1.16
N LYS B 127 -37.82 -17.18 -0.45
CA LYS B 127 -37.92 -15.84 -1.00
C LYS B 127 -36.52 -15.26 -1.23
N ASP B 128 -35.67 -15.40 -0.22
CA ASP B 128 -34.32 -14.87 -0.28
C ASP B 128 -33.40 -15.70 -1.19
N VAL B 129 -33.55 -17.02 -1.15
CA VAL B 129 -32.74 -17.90 -1.99
C VAL B 129 -32.99 -17.60 -3.47
N ASN B 130 -34.27 -17.51 -3.83
CA ASN B 130 -34.67 -17.18 -5.20
C ASN B 130 -34.21 -15.79 -5.65
N ARG B 131 -33.89 -14.93 -4.68
CA ARG B 131 -33.54 -13.54 -4.95
C ARG B 131 -32.07 -13.39 -5.34
N THR B 132 -31.30 -14.45 -5.13
CA THR B 132 -29.86 -14.39 -5.33
C THR B 132 -29.51 -14.58 -6.80
N ASN B 144 -29.36 -23.60 -10.84
CA ASN B 144 -28.07 -23.56 -10.16
C ASN B 144 -28.03 -24.52 -8.98
N PRO B 145 -27.02 -25.39 -8.95
CA PRO B 145 -26.84 -26.32 -7.82
C PRO B 145 -26.55 -25.60 -6.50
N GLY B 146 -25.98 -24.40 -6.61
CA GLY B 146 -25.65 -23.60 -5.43
C GLY B 146 -26.85 -23.15 -4.63
N LEU B 147 -27.91 -22.77 -5.34
CA LEU B 147 -29.13 -22.29 -4.70
C LEU B 147 -29.78 -23.35 -3.82
N ILE B 148 -29.66 -24.61 -4.22
CA ILE B 148 -30.18 -25.72 -3.42
C ILE B 148 -29.39 -25.87 -2.13
N LEU B 149 -28.07 -25.72 -2.22
CA LEU B 149 -27.20 -25.77 -1.05
C LEU B 149 -27.56 -24.69 -0.02
N LEU B 150 -27.79 -23.48 -0.53
CA LEU B 150 -28.24 -22.38 0.31
C LEU B 150 -29.53 -22.74 1.05
N HIS B 151 -30.50 -23.22 0.28
CA HIS B 151 -31.81 -23.59 0.79
C HIS B 151 -31.72 -24.62 1.90
N ASP B 152 -30.99 -25.71 1.63
CA ASP B 152 -30.89 -26.82 2.57
C ASP B 152 -30.18 -26.43 3.87
N ILE B 153 -29.05 -25.75 3.74
CA ILE B 153 -28.28 -25.33 4.91
C ILE B 153 -29.13 -24.42 5.79
N LEU B 154 -29.91 -23.55 5.16
CA LEU B 154 -30.75 -22.60 5.90
C LEU B 154 -31.92 -23.31 6.58
N MET B 155 -32.48 -24.31 5.91
CA MET B 155 -33.52 -25.12 6.50
C MET B 155 -33.03 -25.91 7.70
N THR B 156 -31.82 -26.44 7.60
CA THR B 156 -31.25 -27.22 8.68
C THR B 156 -30.92 -26.33 9.88
N TYR B 157 -30.55 -25.08 9.61
CA TYR B 157 -30.30 -24.17 10.72
C TYR B 157 -31.58 -23.89 11.50
N CYS B 158 -32.72 -24.01 10.83
CA CYS B 158 -34.00 -23.84 11.50
C CYS B 158 -34.21 -24.98 12.49
N MET B 159 -33.75 -26.17 12.13
CA MET B 159 -33.80 -27.32 13.03
C MET B 159 -32.82 -27.15 14.19
N TYR B 160 -31.63 -26.63 13.89
CA TYR B 160 -30.63 -26.37 14.92
C TYR B 160 -31.11 -25.28 15.88
N ASP B 161 -31.46 -24.12 15.34
CA ASP B 161 -32.04 -23.06 16.14
C ASP B 161 -33.48 -22.77 15.69
N PHE B 162 -34.45 -23.28 16.44
CA PHE B 162 -35.85 -23.10 16.02
C PHE B 162 -36.40 -21.77 16.50
N ASP B 163 -35.89 -21.30 17.64
CA ASP B 163 -36.34 -20.02 18.20
C ASP B 163 -36.08 -18.90 17.20
N LEU B 164 -34.89 -18.87 16.61
CA LEU B 164 -34.59 -17.90 15.58
C LEU B 164 -35.15 -18.30 14.22
N GLY B 165 -34.90 -19.55 13.83
CA GLY B 165 -35.34 -20.02 12.51
C GLY B 165 -34.59 -19.31 11.39
N TYR B 166 -35.35 -18.68 10.49
CA TYR B 166 -34.74 -17.82 9.48
C TYR B 166 -35.25 -16.39 9.54
N VAL B 167 -34.31 -15.45 9.45
CA VAL B 167 -34.65 -14.04 9.34
C VAL B 167 -33.97 -13.47 8.10
N GLN B 168 -34.64 -12.55 7.42
CA GLN B 168 -34.15 -11.98 6.18
C GLN B 168 -32.76 -11.35 6.38
N GLY B 169 -31.83 -11.71 5.51
CA GLY B 169 -30.45 -11.23 5.61
C GLY B 169 -29.48 -12.30 6.03
N MET B 170 -29.99 -13.43 6.51
CA MET B 170 -29.14 -14.54 6.93
C MET B 170 -28.55 -15.31 5.76
N SER B 171 -29.20 -15.26 4.61
CA SER B 171 -28.68 -15.95 3.43
C SER B 171 -27.48 -15.19 2.89
N ASP B 172 -27.50 -13.87 3.08
CA ASP B 172 -26.38 -13.02 2.70
C ASP B 172 -25.13 -13.30 3.54
N LEU B 173 -25.32 -13.77 4.76
CA LEU B 173 -24.19 -14.14 5.61
C LEU B 173 -23.63 -15.51 5.27
N LEU B 174 -24.52 -16.40 4.82
CA LEU B 174 -24.15 -17.78 4.51
C LEU B 174 -23.43 -17.86 3.17
N SER B 175 -23.87 -17.05 2.21
CA SER B 175 -23.40 -17.13 0.83
C SER B 175 -21.87 -17.08 0.66
N PRO B 176 -21.17 -16.16 1.34
CA PRO B 176 -19.71 -16.19 1.15
C PRO B 176 -19.07 -17.39 1.85
N VAL B 177 -19.70 -17.86 2.92
CA VAL B 177 -19.19 -18.99 3.67
C VAL B 177 -19.33 -20.25 2.84
N LEU B 178 -20.44 -20.35 2.11
CA LEU B 178 -20.68 -21.47 1.21
C LEU B 178 -19.74 -21.38 0.01
N TYR B 179 -19.40 -20.17 -0.40
CA TYR B 179 -18.43 -19.99 -1.47
C TYR B 179 -17.07 -20.53 -1.06
N VAL B 180 -16.64 -20.22 0.16
CA VAL B 180 -15.33 -20.64 0.64
C VAL B 180 -15.32 -22.12 1.00
N MET B 181 -16.27 -22.54 1.84
CA MET B 181 -16.41 -23.93 2.17
C MET B 181 -17.17 -24.58 1.03
N GLU B 182 -16.53 -25.50 0.30
CA GLU B 182 -17.21 -26.08 -0.85
C GLU B 182 -18.13 -27.21 -0.42
N ASN B 183 -18.00 -27.59 0.85
CA ASN B 183 -18.80 -28.65 1.45
C ASN B 183 -20.00 -28.13 2.24
N GLU B 184 -21.13 -28.81 2.11
CA GLU B 184 -22.38 -28.44 2.77
C GLU B 184 -22.29 -28.51 4.28
N VAL B 185 -21.71 -29.60 4.77
CA VAL B 185 -21.58 -29.83 6.21
C VAL B 185 -20.69 -28.79 6.86
N ASP B 186 -19.52 -28.57 6.25
CA ASP B 186 -18.55 -27.60 6.75
C ASP B 186 -19.14 -26.19 6.73
N ALA B 187 -19.84 -25.86 5.65
CA ALA B 187 -20.46 -24.55 5.51
C ALA B 187 -21.51 -24.31 6.59
N PHE B 188 -22.26 -25.35 6.93
CA PHE B 188 -23.29 -25.23 7.95
C PHE B 188 -22.72 -24.83 9.29
N TRP B 189 -21.72 -25.56 9.74
CA TRP B 189 -21.18 -25.38 11.09
C TRP B 189 -20.40 -24.08 11.21
N CYS B 190 -19.77 -23.66 10.11
CA CYS B 190 -19.15 -22.35 10.05
C CYS B 190 -20.21 -21.25 10.12
N PHE B 191 -21.31 -21.46 9.40
CA PHE B 191 -22.43 -20.53 9.44
C PHE B 191 -23.05 -20.53 10.84
N ALA B 192 -23.12 -21.70 11.45
CA ALA B 192 -23.71 -21.86 12.78
C ALA B 192 -22.92 -21.07 13.84
N SER B 193 -21.61 -21.14 13.77
CA SER B 193 -20.76 -20.41 14.71
C SER B 193 -20.75 -18.91 14.39
N TYR B 194 -20.82 -18.58 13.10
CA TYR B 194 -20.95 -17.19 12.66
C TYR B 194 -22.24 -16.60 13.23
N MET B 195 -23.30 -17.41 13.24
CA MET B 195 -24.59 -16.99 13.75
C MET B 195 -24.59 -16.79 15.26
N ASP B 196 -23.65 -17.43 15.96
CA ASP B 196 -23.55 -17.27 17.41
C ASP B 196 -23.18 -15.83 17.77
N GLN B 197 -22.23 -15.24 17.04
CA GLN B 197 -21.83 -13.87 17.28
C GLN B 197 -22.80 -12.88 16.63
N MET B 198 -23.52 -13.34 15.61
CA MET B 198 -24.44 -12.49 14.86
C MET B 198 -25.88 -12.56 15.33
N HIS B 199 -26.12 -13.34 16.39
CA HIS B 199 -27.46 -13.71 16.79
C HIS B 199 -28.37 -12.54 17.17
N GLN B 200 -27.86 -11.62 17.98
CA GLN B 200 -28.70 -10.54 18.51
C GLN B 200 -29.16 -9.55 17.45
N ASN B 201 -28.58 -9.63 16.26
CA ASN B 201 -29.02 -8.83 15.12
C ASN B 201 -30.40 -9.27 14.62
N PHE B 202 -30.61 -10.58 14.61
CA PHE B 202 -31.81 -11.16 14.00
C PHE B 202 -32.91 -11.54 15.00
N GLU B 203 -32.70 -11.29 16.28
CA GLU B 203 -33.68 -11.62 17.30
C GLU B 203 -34.99 -10.84 17.12
N GLU B 204 -36.09 -11.40 17.62
CA GLU B 204 -37.46 -10.97 17.28
C GLU B 204 -37.64 -9.46 17.30
N GLN B 205 -37.59 -8.85 18.47
CA GLN B 205 -37.53 -7.41 18.55
C GLN B 205 -36.05 -7.11 18.60
N MET B 206 -35.49 -6.54 17.53
CA MET B 206 -34.05 -6.48 17.49
C MET B 206 -33.59 -5.16 18.07
N GLN B 207 -33.10 -5.24 19.31
CA GLN B 207 -32.43 -4.12 19.95
C GLN B 207 -30.94 -4.31 19.74
N GLY B 208 -30.58 -5.49 19.26
CA GLY B 208 -29.20 -5.82 18.98
C GLY B 208 -28.76 -5.05 17.76
N MET B 209 -29.74 -4.69 16.94
CA MET B 209 -29.55 -3.72 15.88
C MET B 209 -29.62 -2.29 16.41
N LYS B 210 -30.57 -2.05 17.32
CA LYS B 210 -30.71 -0.71 17.90
C LYS B 210 -29.56 -0.37 18.87
N THR B 211 -29.08 -1.34 19.63
CA THR B 211 -27.95 -1.11 20.53
C THR B 211 -26.72 -0.66 19.75
N GLN B 212 -26.50 -1.30 18.61
CA GLN B 212 -25.37 -0.98 17.75
C GLN B 212 -25.48 0.44 17.17
N LEU B 213 -26.69 0.84 16.82
CA LEU B 213 -26.94 2.18 16.31
C LEU B 213 -26.66 3.24 17.37
N ILE B 214 -26.95 2.91 18.62
CA ILE B 214 -26.66 3.82 19.72
C ILE B 214 -25.15 3.91 19.95
N GLN B 215 -24.51 2.74 19.98
CA GLN B 215 -23.06 2.65 20.11
C GLN B 215 -22.34 3.36 18.96
N LEU B 216 -22.88 3.27 17.75
CA LEU B 216 -22.27 3.90 16.60
C LEU B 216 -22.37 5.43 16.72
N SER B 217 -23.51 5.91 17.19
CA SER B 217 -23.70 7.34 17.42
C SER B 217 -22.77 7.89 18.50
N THR B 218 -22.55 7.10 19.54
CA THR B 218 -21.61 7.47 20.60
C THR B 218 -20.19 7.60 20.04
N LEU B 219 -19.83 6.68 19.13
CA LEU B 219 -18.52 6.74 18.50
C LEU B 219 -18.37 7.96 17.60
N LEU B 220 -19.38 8.21 16.77
CA LEU B 220 -19.34 9.33 15.83
C LEU B 220 -19.39 10.67 16.54
N ARG B 221 -20.13 10.72 17.64
CA ARG B 221 -20.28 11.93 18.42
C ARG B 221 -18.93 12.39 18.94
N LEU B 222 -18.05 11.42 19.19
CA LEU B 222 -16.69 11.69 19.65
C LEU B 222 -15.77 12.12 18.51
N LEU B 223 -15.94 11.51 17.35
CA LEU B 223 -15.07 11.78 16.19
C LEU B 223 -15.40 13.12 15.54
N ASP B 224 -16.58 13.23 14.94
CA ASP B 224 -17.05 14.52 14.44
C ASP B 224 -18.40 14.82 15.05
N SER B 225 -18.46 15.82 15.92
CA SER B 225 -19.70 16.15 16.60
C SER B 225 -20.61 17.00 15.73
N GLY B 226 -20.02 17.72 14.78
CA GLY B 226 -20.79 18.53 13.84
C GLY B 226 -21.57 17.66 12.88
N PHE B 227 -20.90 16.63 12.35
CA PHE B 227 -21.50 15.73 11.38
C PHE B 227 -22.61 14.91 12.02
N CYS B 228 -22.41 14.50 13.26
CA CYS B 228 -23.38 13.71 13.99
C CYS B 228 -24.62 14.53 14.29
N SER B 229 -24.41 15.79 14.67
CA SER B 229 -25.51 16.70 14.93
C SER B 229 -26.30 17.02 13.65
N TYR B 230 -25.59 17.10 12.53
CA TYR B 230 -26.24 17.35 11.25
C TYR B 230 -27.23 16.25 10.90
N LEU B 231 -26.80 14.99 11.04
CA LEU B 231 -27.65 13.85 10.72
C LEU B 231 -28.88 13.81 11.62
N GLU B 232 -28.71 14.29 12.84
CA GLU B 232 -29.79 14.35 13.83
C GLU B 232 -30.88 15.34 13.45
N SER B 233 -30.58 16.29 12.57
CA SER B 233 -31.59 17.23 12.08
C SER B 233 -32.71 16.46 11.37
N GLN B 234 -32.33 15.36 10.74
CA GLN B 234 -33.28 14.46 10.09
C GLN B 234 -33.68 13.35 11.08
N ASP B 235 -34.30 12.30 10.55
CA ASP B 235 -34.68 11.13 11.34
C ASP B 235 -33.49 10.17 11.37
N SER B 236 -32.36 10.69 10.92
CA SER B 236 -31.10 9.96 10.85
C SER B 236 -30.35 10.00 12.19
N GLY B 237 -30.99 10.60 13.19
CA GLY B 237 -30.43 10.66 14.53
C GLY B 237 -30.01 9.30 15.05
N TYR B 238 -30.81 8.28 14.74
CA TYR B 238 -30.47 6.90 15.05
C TYR B 238 -29.54 6.29 14.02
N LEU B 239 -29.36 7.01 12.91
CA LEU B 239 -28.61 6.51 11.75
C LEU B 239 -29.18 5.20 11.24
N TYR B 240 -30.34 5.27 10.61
CA TYR B 240 -30.99 4.06 10.10
C TYR B 240 -30.39 3.67 8.76
N PHE B 241 -29.71 4.61 8.12
CA PHE B 241 -29.10 4.36 6.82
C PHE B 241 -27.92 3.39 6.91
N CYS B 242 -27.42 3.17 8.12
CA CYS B 242 -26.35 2.21 8.35
C CYS B 242 -26.89 0.81 8.59
N PHE B 243 -28.20 0.66 8.52
CA PHE B 243 -28.87 -0.61 8.81
C PHE B 243 -28.33 -1.76 7.96
N ARG B 244 -28.28 -1.57 6.65
CA ARG B 244 -27.84 -2.61 5.73
C ARG B 244 -26.38 -2.98 6.01
N TRP B 245 -25.58 -1.99 6.41
CA TRP B 245 -24.20 -2.23 6.78
C TRP B 245 -24.07 -3.18 7.95
N LEU B 246 -24.77 -2.88 9.03
CA LEU B 246 -24.62 -3.59 10.29
C LEU B 246 -25.26 -4.97 10.27
N LEU B 247 -26.43 -5.07 9.63
CA LEU B 247 -27.19 -6.32 9.65
C LEU B 247 -26.44 -7.49 9.00
N ILE B 248 -26.06 -7.33 7.74
CA ILE B 248 -25.33 -8.37 7.00
C ILE B 248 -23.82 -8.16 6.98
N ARG B 249 -23.34 -7.18 7.74
CA ARG B 249 -21.90 -6.92 7.86
C ARG B 249 -21.24 -6.53 6.54
N PHE B 250 -21.82 -5.52 5.88
CA PHE B 250 -21.23 -4.86 4.71
C PHE B 250 -21.30 -5.70 3.44
N LYS B 251 -21.84 -6.91 3.57
CA LYS B 251 -21.87 -7.89 2.49
C LYS B 251 -22.34 -7.35 1.14
N ARG B 252 -23.36 -6.50 1.16
CA ARG B 252 -23.89 -5.96 -0.09
C ARG B 252 -23.08 -4.77 -0.61
N GLU B 253 -22.12 -4.32 0.19
CA GLU B 253 -21.31 -3.16 -0.20
C GLU B 253 -19.96 -3.53 -0.83
N PHE B 254 -19.71 -4.82 -0.97
CA PHE B 254 -18.42 -5.29 -1.48
C PHE B 254 -18.54 -6.47 -2.44
N SER B 255 -17.51 -6.67 -3.24
CA SER B 255 -17.41 -7.81 -4.14
C SER B 255 -17.25 -9.07 -3.32
N PHE B 256 -17.50 -10.22 -3.94
CA PHE B 256 -17.40 -11.49 -3.23
C PHE B 256 -16.00 -11.71 -2.67
N LEU B 257 -14.97 -11.32 -3.41
CA LEU B 257 -13.59 -11.45 -2.94
C LEU B 257 -13.24 -10.45 -1.84
N ASP B 258 -13.81 -9.25 -1.93
CA ASP B 258 -13.56 -8.20 -0.94
C ASP B 258 -14.12 -8.52 0.44
N ILE B 259 -15.35 -9.05 0.48
CA ILE B 259 -15.99 -9.42 1.74
C ILE B 259 -15.21 -10.50 2.49
N LEU B 260 -14.68 -11.46 1.75
CA LEU B 260 -13.87 -12.52 2.34
C LEU B 260 -12.75 -11.94 3.19
N ARG B 261 -12.03 -10.97 2.62
CA ARG B 261 -10.91 -10.32 3.30
C ARG B 261 -11.39 -9.50 4.50
N LEU B 262 -12.49 -8.79 4.31
CA LEU B 262 -13.07 -7.95 5.36
C LEU B 262 -13.47 -8.76 6.59
N TRP B 263 -14.09 -9.90 6.36
CA TRP B 263 -14.59 -10.73 7.45
C TRP B 263 -13.47 -11.50 8.14
N GLU B 264 -12.46 -11.90 7.37
CA GLU B 264 -11.27 -12.53 7.93
C GLU B 264 -10.69 -11.70 9.05
N VAL B 265 -10.54 -10.42 8.73
CA VAL B 265 -9.90 -9.46 9.61
C VAL B 265 -10.76 -9.25 10.85
N MET B 266 -12.07 -9.13 10.66
CA MET B 266 -13.00 -8.96 11.76
C MET B 266 -12.96 -10.13 12.74
N TRP B 267 -12.94 -11.35 12.20
CA TRP B 267 -13.05 -12.56 13.00
C TRP B 267 -11.82 -12.83 13.89
N THR B 268 -10.75 -12.09 13.66
CA THR B 268 -9.56 -12.16 14.52
C THR B 268 -9.84 -11.56 15.90
N GLU B 269 -10.90 -10.76 15.97
CA GLU B 269 -11.31 -10.04 17.17
C GLU B 269 -10.30 -8.96 17.55
N LEU B 270 -9.54 -8.51 16.56
CA LEU B 270 -8.56 -7.44 16.72
C LEU B 270 -8.98 -6.23 15.89
N PRO B 271 -8.49 -5.03 16.27
CA PRO B 271 -7.69 -4.66 17.44
C PRO B 271 -8.48 -4.60 18.74
N CYS B 272 -9.77 -4.30 18.61
CA CYS B 272 -10.62 -4.04 19.75
C CYS B 272 -12.00 -4.65 19.57
N LYS B 273 -12.79 -4.63 20.62
CA LYS B 273 -14.18 -5.09 20.54
C LYS B 273 -14.95 -4.16 19.62
N ASN B 274 -15.93 -4.71 18.90
CA ASN B 274 -16.77 -3.94 17.99
C ASN B 274 -16.02 -3.18 16.90
N PHE B 275 -15.03 -3.84 16.29
CA PHE B 275 -14.23 -3.23 15.23
C PHE B 275 -15.07 -2.79 14.03
N HIS B 276 -16.13 -3.55 13.76
CA HIS B 276 -17.01 -3.26 12.64
C HIS B 276 -17.70 -1.89 12.74
N LEU B 277 -17.80 -1.37 13.95
CA LEU B 277 -18.39 -0.05 14.14
C LEU B 277 -17.41 1.03 13.67
N LEU B 278 -16.12 0.78 13.85
CA LEU B 278 -15.09 1.72 13.41
C LEU B 278 -15.02 1.73 11.89
N LEU B 279 -15.36 0.59 11.30
CA LEU B 279 -15.44 0.48 9.85
C LEU B 279 -16.56 1.36 9.34
N CYS B 280 -17.67 1.42 10.07
CA CYS B 280 -18.76 2.32 9.72
C CYS B 280 -18.29 3.77 9.76
N CYS B 281 -17.62 4.14 10.84
CA CYS B 281 -17.02 5.48 10.97
C CYS B 281 -16.02 5.79 9.87
N ALA B 282 -15.15 4.84 9.56
CA ALA B 282 -14.14 5.03 8.53
C ALA B 282 -14.78 5.38 7.18
N ILE B 283 -15.78 4.60 6.79
CA ILE B 283 -16.50 4.84 5.55
C ILE B 283 -17.25 6.16 5.60
N LEU B 284 -17.89 6.41 6.74
CA LEU B 284 -18.78 7.55 6.91
C LEU B 284 -18.03 8.88 6.91
N GLU B 285 -16.78 8.86 7.39
CA GLU B 285 -15.97 10.07 7.43
C GLU B 285 -15.51 10.50 6.05
N SER B 286 -15.45 9.56 5.12
CA SER B 286 -15.03 9.87 3.76
C SER B 286 -16.13 10.52 2.92
N GLU B 287 -17.39 10.20 3.24
CA GLU B 287 -18.52 10.79 2.52
C GLU B 287 -19.10 11.98 3.26
N LYS B 288 -18.47 12.32 4.39
CA LYS B 288 -18.91 13.41 5.26
C LYS B 288 -19.07 14.73 4.53
N GLN B 289 -18.11 15.03 3.66
CA GLN B 289 -18.11 16.30 2.94
C GLN B 289 -19.28 16.43 1.98
N GLN B 290 -19.51 15.41 1.17
CA GLN B 290 -20.59 15.45 0.18
C GLN B 290 -21.96 15.63 0.83
N ILE B 291 -22.17 14.93 1.94
CA ILE B 291 -23.46 14.95 2.61
C ILE B 291 -23.76 16.32 3.21
N MET B 292 -22.78 16.92 3.87
CA MET B 292 -22.99 18.21 4.52
C MET B 292 -22.96 19.37 3.53
N GLU B 293 -22.01 19.35 2.60
CA GLU B 293 -21.91 20.40 1.58
C GLU B 293 -23.19 20.49 0.75
N LYS B 294 -23.59 19.36 0.17
CA LYS B 294 -24.78 19.31 -0.69
C LYS B 294 -26.09 19.32 0.09
N HIS B 295 -26.01 19.20 1.42
CA HIS B 295 -27.18 19.24 2.30
C HIS B 295 -28.19 18.12 2.04
N TYR B 296 -27.70 16.88 1.97
CA TYR B 296 -28.56 15.71 1.73
C TYR B 296 -29.56 15.47 2.86
N GLY B 297 -30.75 14.98 2.51
CA GLY B 297 -31.74 14.58 3.48
C GLY B 297 -31.65 13.08 3.68
N PHE B 298 -32.51 12.51 4.53
CA PHE B 298 -32.44 11.08 4.86
C PHE B 298 -32.47 10.19 3.64
N ASN B 299 -33.33 10.53 2.68
CA ASN B 299 -33.46 9.73 1.48
C ASN B 299 -32.23 9.82 0.59
N GLU B 300 -31.70 11.03 0.41
CA GLU B 300 -30.52 11.24 -0.43
C GLU B 300 -29.27 10.62 0.21
N ILE B 301 -29.21 10.65 1.54
CA ILE B 301 -28.09 10.05 2.26
C ILE B 301 -28.11 8.54 2.07
N LEU B 302 -29.29 7.96 2.24
CA LEU B 302 -29.49 6.53 2.08
C LEU B 302 -29.19 6.08 0.65
N LYS B 303 -29.62 6.89 -0.32
CA LYS B 303 -29.38 6.59 -1.73
C LYS B 303 -27.89 6.69 -2.03
N HIS B 304 -27.26 7.74 -1.51
CA HIS B 304 -25.83 7.98 -1.73
C HIS B 304 -24.98 6.86 -1.16
N ILE B 305 -25.41 6.34 -0.01
CA ILE B 305 -24.70 5.25 0.67
C ILE B 305 -24.97 3.91 -0.02
N ASN B 306 -26.18 3.73 -0.54
CA ASN B 306 -26.51 2.52 -1.28
C ASN B 306 -25.78 2.45 -2.63
N GLU B 307 -25.58 3.61 -3.26
CA GLU B 307 -24.89 3.67 -4.55
C GLU B 307 -23.39 3.61 -4.32
N LEU B 308 -23.01 3.56 -3.05
CA LEU B 308 -21.61 3.50 -2.63
C LEU B 308 -21.12 2.07 -2.71
N SER B 309 -22.03 1.15 -2.98
CA SER B 309 -21.73 -0.27 -3.09
C SER B 309 -20.75 -0.56 -4.24
N MET B 310 -19.78 -1.42 -3.96
CA MET B 310 -18.76 -1.85 -4.92
C MET B 310 -17.76 -0.73 -5.23
N LYS B 311 -18.03 0.46 -4.69
CA LYS B 311 -17.19 1.62 -4.92
C LYS B 311 -16.19 1.83 -3.79
N ILE B 312 -16.21 0.95 -2.80
CA ILE B 312 -15.39 1.10 -1.59
C ILE B 312 -14.13 0.22 -1.59
N ASP B 313 -12.98 0.84 -1.29
CA ASP B 313 -11.72 0.09 -1.16
C ASP B 313 -11.56 -0.55 0.22
N VAL B 314 -11.23 -1.84 0.24
CA VAL B 314 -11.15 -2.58 1.49
C VAL B 314 -9.96 -2.19 2.36
N GLU B 315 -8.77 -2.13 1.77
CA GLU B 315 -7.56 -1.86 2.54
C GLU B 315 -7.54 -0.45 3.13
N ASP B 316 -7.97 0.56 2.36
CA ASP B 316 -8.02 1.92 2.89
C ASP B 316 -8.97 1.99 4.08
N VAL B 317 -10.10 1.32 3.97
CA VAL B 317 -11.10 1.34 5.02
C VAL B 317 -10.57 0.61 6.25
N LEU B 318 -9.96 -0.55 6.04
CA LEU B 318 -9.34 -1.29 7.13
C LEU B 318 -8.21 -0.48 7.77
N CYS B 319 -7.49 0.29 6.95
CA CYS B 319 -6.42 1.15 7.45
C CYS B 319 -6.97 2.28 8.31
N LYS B 320 -7.98 2.97 7.79
CA LYS B 320 -8.60 4.08 8.48
C LYS B 320 -9.27 3.61 9.78
N ALA B 321 -9.94 2.46 9.72
CA ALA B 321 -10.64 1.93 10.87
C ALA B 321 -9.68 1.56 12.00
N GLU B 322 -8.55 0.96 11.63
CA GLU B 322 -7.54 0.58 12.63
C GLU B 322 -6.89 1.81 13.25
N ALA B 323 -6.66 2.82 12.42
CA ALA B 323 -6.04 4.06 12.86
C ALA B 323 -6.89 4.74 13.92
N ILE B 324 -8.20 4.76 13.71
CA ILE B 324 -9.15 5.34 14.65
C ILE B 324 -9.03 4.65 16.01
N SER B 325 -8.87 3.34 15.98
CA SER B 325 -8.74 2.56 17.22
C SER B 325 -7.44 2.93 17.94
N LEU B 326 -6.39 3.20 17.18
CA LEU B 326 -5.11 3.55 17.76
C LEU B 326 -5.14 4.88 18.50
N GLN B 327 -5.76 5.88 17.90
CA GLN B 327 -5.78 7.21 18.51
C GLN B 327 -6.71 7.22 19.73
N MET B 328 -7.68 6.32 19.74
CA MET B 328 -8.57 6.20 20.89
C MET B 328 -7.88 5.47 22.04
N VAL B 329 -7.21 4.36 21.74
CA VAL B 329 -6.45 3.63 22.75
C VAL B 329 -5.33 4.52 23.30
N LYS B 330 -4.68 5.27 22.42
CA LYS B 330 -3.63 6.20 22.81
C LYS B 330 -4.19 7.39 23.59
N CYS B 331 -5.49 7.64 23.48
CA CYS B 331 -6.11 8.76 24.17
C CYS B 331 -6.34 8.42 25.65
N LYS B 332 -5.70 9.16 26.54
CA LYS B 332 -5.79 8.90 27.97
C LYS B 332 -7.08 9.45 28.57
N GLU B 333 -7.61 10.48 27.92
CA GLU B 333 -8.77 11.23 28.39
C GLU B 333 -10.08 10.65 27.87
N LEU B 334 -9.98 9.51 27.19
CA LEU B 334 -11.11 8.84 26.55
C LEU B 334 -12.22 8.53 27.55
N PRO B 335 -13.47 8.84 27.17
CA PRO B 335 -14.63 8.63 28.07
C PRO B 335 -14.96 7.15 28.26
N GLN B 336 -15.43 6.81 29.46
CA GLN B 336 -15.73 5.42 29.81
C GLN B 336 -16.81 4.82 28.92
N ALA B 337 -17.75 5.66 28.47
CA ALA B 337 -18.81 5.22 27.57
C ALA B 337 -18.23 4.61 26.30
N VAL B 338 -17.19 5.22 25.76
CA VAL B 338 -16.50 4.70 24.59
C VAL B 338 -15.62 3.50 24.93
N CYS B 339 -14.97 3.55 26.09
CA CYS B 339 -14.11 2.47 26.54
C CYS B 339 -14.85 1.14 26.62
N GLU B 340 -16.12 1.19 27.02
CA GLU B 340 -16.94 0.00 27.13
C GLU B 340 -17.19 -0.62 25.75
N ILE B 341 -17.48 0.25 24.78
CA ILE B 341 -17.75 -0.18 23.41
C ILE B 341 -16.56 -0.89 22.79
N LEU B 342 -15.37 -0.35 23.00
CA LEU B 342 -14.17 -0.89 22.40
C LEU B 342 -13.51 -1.99 23.23
N GLY B 343 -13.98 -2.16 24.45
CA GLY B 343 -13.52 -3.25 25.30
C GLY B 343 -12.25 -2.89 26.06
N LEU B 344 -12.01 -1.60 26.20
CA LEU B 344 -10.82 -1.11 26.89
C LEU B 344 -10.99 -1.16 28.41
#